data_6QC0
#
_entry.id   6QC0
#
_cell.length_a   151.369
_cell.length_b   151.369
_cell.length_c   91.489
_cell.angle_alpha   90.00
_cell.angle_beta   90.00
_cell.angle_gamma   120.00
#
_symmetry.space_group_name_H-M   'P 61'
#
loop_
_entity.id
_entity.type
_entity.pdbx_description
1 polymer 'Proliferating cell nuclear antigen'
2 polymer 'Denticleless protein homolog'
#
loop_
_entity_poly.entity_id
_entity_poly.type
_entity_poly.pdbx_seq_one_letter_code
_entity_poly.pdbx_strand_id
1 'polypeptide(L)'
;GPMFEARLVQGSILKKVLEALKDLINEACWDISSSGVNLQSMDSSHVSLVQLTLRSEGFDTYRCDRNLAMGVNLTSMSKI
LKCAGNEDIITLRAEDNADTLALVFEAPNQEKVSDYEMKLMDLDVEQLGIPEQEYSCVVKMPSGEFARICRDLSHIGDAV
VISCAKDGVKFSASGELGNGNIKLSQTSNVDKEEEAVTIEMNEPVQLTFALRYLNFFTKATPLSSTVTLSMSADVPLVVE
YKIADMGHLKYYLAPKIEDEEGS
;
A,C,E
2 'polypeptide(L)' SSMRKICTYFHRKS B,D,F
#
# COMPACT_ATOMS: atom_id res chain seq x y z
N MET A 3 -11.97 30.40 27.73
CA MET A 3 -11.04 29.58 28.67
C MET A 3 -11.48 28.07 28.79
N PHE A 4 -11.13 27.23 27.80
CA PHE A 4 -11.78 25.93 27.48
C PHE A 4 -10.76 24.79 27.34
N GLU A 5 -11.14 23.58 27.76
CA GLU A 5 -10.30 22.36 27.79
C GLU A 5 -11.18 21.10 27.87
N ALA A 6 -10.92 20.13 27.00
CA ALA A 6 -11.68 18.87 26.87
C ALA A 6 -10.73 17.70 26.68
N ARG A 7 -10.79 16.73 27.59
CA ARG A 7 -9.85 15.60 27.66
C ARG A 7 -10.57 14.36 27.14
N LEU A 8 -10.21 13.96 25.92
CA LEU A 8 -10.80 12.81 25.21
C LEU A 8 -9.86 11.60 25.34
N VAL A 9 -10.40 10.54 25.97
CA VAL A 9 -9.69 9.27 26.34
C VAL A 9 -9.25 8.59 25.03
N GLN A 10 -10.23 8.25 24.19
CA GLN A 10 -10.05 7.54 22.90
C GLN A 10 -9.57 8.52 21.83
N GLY A 11 -8.30 8.92 21.86
CA GLY A 11 -7.74 9.79 20.82
C GLY A 11 -8.34 9.47 19.46
N SER A 12 -8.19 8.23 19.01
CA SER A 12 -8.60 7.77 17.66
C SER A 12 -9.90 8.46 17.25
N ILE A 13 -10.93 8.43 18.11
CA ILE A 13 -12.30 8.97 17.81
C ILE A 13 -12.15 10.30 17.07
N LEU A 14 -11.23 11.15 17.54
CA LEU A 14 -11.00 12.48 16.95
C LEU A 14 -10.31 12.35 15.59
N LYS A 15 -9.18 11.65 15.50
CA LYS A 15 -8.47 11.43 14.22
C LYS A 15 -9.49 11.02 13.16
N LYS A 16 -10.28 9.97 13.45
CA LYS A 16 -11.21 9.29 12.52
C LYS A 16 -12.24 10.27 11.95
N VAL A 17 -12.56 11.32 12.74
CA VAL A 17 -13.52 12.40 12.39
C VAL A 17 -12.89 13.24 11.29
N LEU A 18 -11.72 13.80 11.54
CA LEU A 18 -11.09 14.66 10.52
C LEU A 18 -10.80 13.86 9.24
N GLU A 19 -10.54 12.55 9.37
CA GLU A 19 -10.43 11.63 8.20
C GLU A 19 -11.69 11.77 7.36
N ALA A 20 -12.87 11.75 8.00
CA ALA A 20 -14.21 11.83 7.34
C ALA A 20 -14.39 13.18 6.61
N LEU A 21 -14.05 14.29 7.28
CA LEU A 21 -14.42 15.65 6.86
C LEU A 21 -13.46 16.18 5.77
N LYS A 22 -12.13 16.19 6.02
CA LYS A 22 -11.14 16.96 5.21
C LYS A 22 -11.36 16.75 3.70
N ASP A 23 -11.81 15.56 3.30
CA ASP A 23 -12.02 15.17 1.88
C ASP A 23 -13.21 15.90 1.29
N LEU A 24 -14.13 16.38 2.13
CA LEU A 24 -15.46 16.96 1.72
C LEU A 24 -15.48 18.47 1.95
N ILE A 25 -14.82 18.94 3.00
CA ILE A 25 -14.88 20.36 3.42
C ILE A 25 -13.51 20.76 3.98
N ASN A 26 -12.96 21.86 3.48
CA ASN A 26 -11.54 22.25 3.71
C ASN A 26 -11.50 23.01 5.02
N GLU A 27 -12.34 24.04 5.13
CA GLU A 27 -12.51 24.90 6.34
C GLU A 27 -13.88 24.62 6.94
N ALA A 28 -14.03 24.83 8.24
CA ALA A 28 -15.31 24.78 8.96
C ALA A 28 -15.13 25.42 10.33
N CYS A 29 -16.24 25.88 10.87
CA CYS A 29 -16.33 26.56 12.19
C CYS A 29 -16.85 25.59 13.27
N TRP A 30 -16.00 25.32 14.27
CA TRP A 30 -16.27 24.46 15.45
C TRP A 30 -16.97 25.27 16.53
N ASP A 31 -18.22 24.93 16.82
CA ASP A 31 -19.06 25.65 17.82
C ASP A 31 -18.92 24.87 19.12
N ILE A 32 -18.31 25.45 20.14
CA ILE A 32 -18.16 24.72 21.43
C ILE A 32 -18.90 25.46 22.56
N SER A 33 -19.53 24.66 23.39
CA SER A 33 -20.61 25.00 24.34
C SER A 33 -20.37 24.17 25.60
N SER A 34 -20.93 24.56 26.76
CA SER A 34 -21.02 23.66 27.93
C SER A 34 -21.72 22.35 27.53
N SER A 35 -22.56 22.39 26.48
CA SER A 35 -23.37 21.25 25.95
C SER A 35 -22.49 20.32 25.08
N GLY A 36 -21.37 20.83 24.59
CA GLY A 36 -20.40 20.04 23.81
C GLY A 36 -20.05 20.70 22.50
N VAL A 37 -19.49 19.90 21.59
CA VAL A 37 -18.91 20.37 20.31
C VAL A 37 -19.85 20.02 19.16
N ASN A 38 -20.29 21.05 18.46
CA ASN A 38 -21.27 21.01 17.37
C ASN A 38 -20.59 21.71 16.19
N LEU A 39 -20.62 21.12 15.00
CA LEU A 39 -20.04 21.71 13.77
C LEU A 39 -20.96 21.38 12.61
N GLN A 40 -21.18 22.35 11.73
CA GLN A 40 -22.06 22.26 10.54
C GLN A 40 -21.42 23.06 9.42
N SER A 41 -21.34 22.48 8.22
CA SER A 41 -20.78 23.14 7.01
C SER A 41 -21.23 22.41 5.75
N MET A 42 -21.46 23.16 4.68
CA MET A 42 -21.80 22.60 3.35
C MET A 42 -20.47 22.29 2.62
N ASP A 43 -20.49 21.61 1.48
CA ASP A 43 -19.26 21.39 0.67
C ASP A 43 -18.99 22.65 -0.17
N SER A 44 -17.82 22.69 -0.84
CA SER A 44 -17.41 23.67 -1.89
C SER A 44 -18.63 24.22 -2.63
N SER A 45 -19.55 23.32 -2.97
CA SER A 45 -20.56 23.51 -4.04
C SER A 45 -21.99 23.54 -3.48
N HIS A 46 -22.14 23.39 -2.17
CA HIS A 46 -23.42 23.67 -1.46
C HIS A 46 -24.48 22.63 -1.81
N VAL A 47 -24.07 21.37 -1.95
CA VAL A 47 -24.97 20.25 -2.39
C VAL A 47 -25.11 19.22 -1.27
N SER A 48 -24.00 18.96 -0.57
CA SER A 48 -23.93 18.12 0.65
C SER A 48 -23.72 19.05 1.86
N LEU A 49 -24.17 18.62 3.03
CA LEU A 49 -23.99 19.34 4.31
C LEU A 49 -23.62 18.33 5.39
N VAL A 50 -22.70 18.70 6.29
CA VAL A 50 -22.19 17.78 7.33
C VAL A 50 -22.52 18.36 8.70
N GLN A 51 -22.96 17.52 9.63
CA GLN A 51 -23.36 17.92 11.01
C GLN A 51 -22.61 17.02 11.99
N LEU A 52 -21.81 17.63 12.87
CA LEU A 52 -21.13 16.88 13.94
C LEU A 52 -21.73 17.25 15.29
N THR A 53 -21.96 16.25 16.14
CA THR A 53 -22.45 16.46 17.52
C THR A 53 -21.66 15.55 18.45
N LEU A 54 -20.81 16.13 19.30
CA LEU A 54 -20.07 15.42 20.37
C LEU A 54 -20.49 16.00 21.73
N ARG A 55 -21.24 15.25 22.51
CA ARG A 55 -21.75 15.70 23.82
C ARG A 55 -20.57 15.80 24.78
N SER A 56 -20.59 16.77 25.70
CA SER A 56 -19.57 17.02 26.75
C SER A 56 -19.46 15.82 27.70
N GLU A 57 -20.60 15.18 28.01
CA GLU A 57 -20.69 13.81 28.60
C GLU A 57 -19.61 12.87 27.99
N GLY A 58 -19.39 12.97 26.69
CA GLY A 58 -18.53 12.06 25.93
C GLY A 58 -17.12 12.07 26.47
N PHE A 59 -16.64 13.21 26.94
CA PHE A 59 -15.21 13.44 27.29
C PHE A 59 -14.98 13.13 28.77
N ASP A 60 -13.71 12.98 29.16
CA ASP A 60 -13.33 12.71 30.58
C ASP A 60 -13.31 14.02 31.39
N THR A 61 -12.48 14.99 30.98
CA THR A 61 -12.62 16.43 31.31
C THR A 61 -13.54 17.05 30.27
N TYR A 62 -14.21 18.14 30.60
CA TYR A 62 -14.80 19.09 29.64
C TYR A 62 -15.14 20.37 30.41
N ARG A 63 -14.56 21.50 30.00
CA ARG A 63 -14.69 22.76 30.78
C ARG A 63 -14.59 23.91 29.79
N CYS A 64 -15.74 24.57 29.54
CA CYS A 64 -15.94 25.66 28.53
C CYS A 64 -16.59 26.87 29.21
N ASP A 65 -15.87 27.97 29.33
CA ASP A 65 -16.37 29.20 30.01
C ASP A 65 -17.05 30.09 28.97
N ARG A 66 -16.32 30.48 27.93
CA ARG A 66 -16.91 31.21 26.78
C ARG A 66 -17.20 30.19 25.69
N ASN A 67 -18.45 30.12 25.21
CA ASN A 67 -18.76 29.44 23.92
C ASN A 67 -17.76 29.97 22.88
N LEU A 68 -17.06 29.10 22.19
CA LEU A 68 -16.05 29.53 21.19
C LEU A 68 -16.60 29.20 19.81
N ALA A 69 -16.19 29.97 18.82
CA ALA A 69 -16.51 29.72 17.40
C ALA A 69 -15.19 29.65 16.66
N MET A 70 -14.55 28.49 16.71
CA MET A 70 -13.17 28.31 16.19
C MET A 70 -13.23 27.94 14.71
N GLY A 71 -12.70 28.80 13.85
CA GLY A 71 -12.54 28.50 12.42
C GLY A 71 -11.23 27.78 12.16
N VAL A 72 -11.25 26.65 11.45
CA VAL A 72 -9.99 25.91 11.13
C VAL A 72 -10.04 25.34 9.71
N ASN A 73 -8.90 25.46 9.04
CA ASN A 73 -8.54 24.65 7.85
C ASN A 73 -8.42 23.18 8.31
N LEU A 74 -9.37 22.33 7.99
CA LEU A 74 -9.40 20.92 8.44
C LEU A 74 -8.22 20.13 7.87
N THR A 75 -7.70 20.53 6.72
CA THR A 75 -6.47 19.91 6.17
C THR A 75 -5.34 20.21 7.16
N SER A 76 -5.15 21.48 7.57
CA SER A 76 -4.21 21.91 8.63
C SER A 76 -4.37 20.98 9.84
N MET A 77 -5.59 20.80 10.27
CA MET A 77 -5.90 20.08 11.53
C MET A 77 -5.71 18.58 11.34
N SER A 78 -6.11 18.01 10.21
CA SER A 78 -5.85 16.57 9.92
C SER A 78 -4.36 16.33 10.12
N LYS A 79 -3.53 17.13 9.44
CA LYS A 79 -2.05 17.03 9.49
C LYS A 79 -1.59 16.90 10.94
N ILE A 80 -2.19 17.67 11.84
CA ILE A 80 -1.83 17.69 13.28
C ILE A 80 -2.24 16.37 13.91
N LEU A 81 -3.48 15.94 13.71
CA LEU A 81 -4.03 14.69 14.33
C LEU A 81 -3.29 13.45 13.80
N LYS A 82 -2.77 13.50 12.58
CA LYS A 82 -1.94 12.41 12.03
C LYS A 82 -0.74 12.19 12.95
N CYS A 83 -0.30 13.21 13.70
CA CYS A 83 0.86 13.11 14.61
C CYS A 83 0.48 12.53 15.97
N ALA A 84 -0.73 11.99 16.10
CA ALA A 84 -1.26 11.43 17.36
C ALA A 84 -1.38 9.92 17.19
N GLY A 85 -0.78 9.14 18.09
CA GLY A 85 -1.00 7.68 18.18
C GLY A 85 -2.46 7.37 18.41
N ASN A 86 -2.95 6.22 17.93
CA ASN A 86 -4.38 5.84 18.05
C ASN A 86 -4.77 5.70 19.52
N GLU A 87 -3.88 5.19 20.37
CA GLU A 87 -4.20 5.01 21.81
C GLU A 87 -3.92 6.32 22.55
N ASP A 88 -3.55 7.40 21.85
CA ASP A 88 -3.16 8.69 22.49
C ASP A 88 -4.40 9.28 23.17
N ILE A 89 -4.21 9.90 24.33
CA ILE A 89 -5.22 10.73 25.03
C ILE A 89 -5.08 12.12 24.41
N ILE A 90 -6.14 12.63 23.79
CA ILE A 90 -6.08 13.98 23.18
C ILE A 90 -6.86 14.97 24.06
N THR A 91 -6.13 15.92 24.63
CA THR A 91 -6.66 17.05 25.43
C THR A 91 -6.68 18.24 24.47
N LEU A 92 -7.77 19.03 24.41
CA LEU A 92 -7.88 20.30 23.64
C LEU A 92 -7.90 21.50 24.58
N ARG A 93 -7.46 22.67 24.13
CA ARG A 93 -7.37 23.88 24.98
C ARG A 93 -7.41 25.12 24.08
N ALA A 94 -8.28 26.08 24.42
CA ALA A 94 -8.34 27.41 23.78
C ALA A 94 -8.68 28.45 24.84
N GLU A 95 -8.06 29.64 24.71
CA GLU A 95 -8.42 30.86 25.49
C GLU A 95 -9.53 31.60 24.72
N ASP A 96 -10.07 32.67 25.30
CA ASP A 96 -11.22 33.45 24.76
C ASP A 96 -10.80 34.19 23.48
N ASN A 97 -9.95 35.19 23.65
CA ASN A 97 -9.34 36.05 22.60
C ASN A 97 -8.32 35.23 21.80
N ALA A 98 -8.07 33.97 22.19
CA ALA A 98 -7.22 33.01 21.47
C ALA A 98 -7.76 32.80 20.06
N ASP A 99 -6.85 32.98 19.10
CA ASP A 99 -6.99 32.72 17.65
C ASP A 99 -6.08 31.53 17.31
N THR A 100 -5.59 30.81 18.33
CA THR A 100 -4.97 29.47 18.17
C THR A 100 -5.66 28.47 19.10
N LEU A 101 -5.79 27.24 18.61
CA LEU A 101 -6.21 26.05 19.39
C LEU A 101 -4.98 25.20 19.71
N ALA A 102 -4.73 24.95 20.99
CA ALA A 102 -3.71 23.99 21.49
C ALA A 102 -4.29 22.57 21.48
N LEU A 103 -3.53 21.59 21.01
CA LEU A 103 -3.81 20.12 21.12
C LEU A 103 -2.67 19.44 21.90
N VAL A 104 -2.99 18.54 22.83
CA VAL A 104 -1.99 17.84 23.68
C VAL A 104 -2.25 16.35 23.57
N PHE A 105 -1.28 15.59 23.06
CA PHE A 105 -1.35 14.11 22.92
C PHE A 105 -0.48 13.42 23.98
N GLU A 106 -1.12 12.83 24.98
CA GLU A 106 -0.50 11.98 26.03
C GLU A 106 -0.48 10.52 25.53
N ALA A 107 0.62 9.80 25.78
CA ALA A 107 0.84 8.43 25.27
C ALA A 107 0.33 7.44 26.31
N PRO A 108 0.16 6.13 25.97
CA PRO A 108 0.09 5.08 26.98
C PRO A 108 1.40 4.95 27.79
N ASN A 109 2.54 5.30 27.16
CA ASN A 109 3.86 5.56 27.80
C ASN A 109 3.70 6.41 29.06
N GLN A 110 2.90 7.49 28.98
CA GLN A 110 2.87 8.61 29.97
C GLN A 110 4.30 9.16 30.19
N GLU A 111 5.27 8.87 29.31
CA GLU A 111 6.64 9.45 29.33
C GLU A 111 7.03 9.90 27.91
N LYS A 112 6.04 9.92 27.01
CA LYS A 112 5.96 10.85 25.84
C LYS A 112 4.73 11.73 26.03
N VAL A 113 4.86 13.02 25.72
CA VAL A 113 3.73 13.97 25.58
C VAL A 113 4.04 14.93 24.43
N SER A 114 3.38 14.74 23.29
CA SER A 114 3.33 15.71 22.16
C SER A 114 2.39 16.86 22.56
N ASP A 115 2.53 18.03 21.94
CA ASP A 115 1.93 19.30 22.44
C ASP A 115 1.96 20.36 21.31
N TYR A 116 1.02 20.24 20.35
CA TYR A 116 0.90 21.10 19.15
C TYR A 116 0.06 22.35 19.49
N GLU A 117 -0.19 23.16 18.48
CA GLU A 117 -0.83 24.49 18.62
C GLU A 117 -1.11 24.94 17.20
N MET A 118 -2.37 25.16 16.87
CA MET A 118 -2.87 25.30 15.49
C MET A 118 -3.49 26.67 15.32
N LYS A 119 -3.13 27.37 14.24
CA LYS A 119 -3.64 28.73 13.98
C LYS A 119 -5.07 28.57 13.44
N LEU A 120 -5.95 29.52 13.77
CA LEU A 120 -7.36 29.51 13.33
C LEU A 120 -7.51 30.45 12.12
N MET A 121 -8.75 30.76 11.75
CA MET A 121 -9.12 31.71 10.66
C MET A 121 -10.51 32.25 10.99
N ASP A 122 -10.88 33.41 10.46
CA ASP A 122 -12.26 33.93 10.70
C ASP A 122 -13.14 33.32 9.61
N LEU A 123 -14.33 32.82 9.96
CA LEU A 123 -15.28 32.22 8.98
C LEU A 123 -16.69 32.73 9.27
N ASP A 124 -17.35 33.29 8.26
CA ASP A 124 -18.84 33.39 8.22
C ASP A 124 -19.37 32.06 7.68
N VAL A 125 -20.35 31.54 8.40
CA VAL A 125 -21.08 30.29 8.05
C VAL A 125 -22.52 30.50 8.50
N GLU A 126 -23.43 30.73 7.53
CA GLU A 126 -24.89 30.79 7.75
C GLU A 126 -25.31 29.40 8.25
N GLN A 127 -25.47 29.27 9.57
CA GLN A 127 -26.00 28.06 10.22
C GLN A 127 -27.43 27.83 9.71
N LEU A 128 -27.68 26.68 9.09
CA LEU A 128 -29.02 26.28 8.56
C LEU A 128 -29.77 25.53 9.67
N GLY A 129 -31.00 25.95 9.96
CA GLY A 129 -31.93 25.20 10.82
C GLY A 129 -32.25 23.85 10.17
N ILE A 130 -31.73 22.76 10.73
CA ILE A 130 -32.10 21.36 10.39
C ILE A 130 -33.29 20.97 11.26
N PRO A 131 -34.51 20.78 10.70
CA PRO A 131 -35.65 20.31 11.50
C PRO A 131 -35.49 18.81 11.80
N GLU A 132 -35.97 18.38 12.98
CA GLU A 132 -36.27 16.95 13.26
C GLU A 132 -37.40 16.50 12.34
N GLN A 133 -37.23 15.34 11.73
CA GLN A 133 -38.16 14.81 10.70
C GLN A 133 -38.38 13.31 10.89
N GLU A 134 -39.64 12.89 10.81
CA GLU A 134 -40.03 11.50 10.47
C GLU A 134 -39.60 11.25 9.01
N TYR A 135 -39.06 10.06 8.71
CA TYR A 135 -38.58 9.71 7.35
C TYR A 135 -39.35 8.51 6.83
N SER A 136 -39.85 8.62 5.61
CA SER A 136 -40.63 7.56 4.91
C SER A 136 -39.91 6.21 5.08
N CYS A 137 -38.60 6.18 4.88
CA CYS A 137 -37.74 4.98 5.05
C CYS A 137 -36.47 5.33 5.82
N VAL A 138 -36.16 4.53 6.83
CA VAL A 138 -34.86 4.53 7.57
C VAL A 138 -34.24 3.13 7.47
N VAL A 139 -33.01 3.03 7.01
CA VAL A 139 -32.30 1.73 6.84
C VAL A 139 -31.08 1.69 7.75
N LYS A 140 -30.90 0.63 8.52
CA LYS A 140 -29.68 0.39 9.36
C LYS A 140 -28.97 -0.80 8.74
N MET A 141 -27.70 -0.65 8.40
CA MET A 141 -26.89 -1.70 7.71
C MET A 141 -25.42 -1.53 8.03
N PRO A 142 -24.59 -2.59 7.84
CA PRO A 142 -23.15 -2.47 8.04
C PRO A 142 -22.60 -1.31 7.22
N SER A 143 -21.82 -0.45 7.86
CA SER A 143 -21.16 0.74 7.30
C SER A 143 -20.18 0.28 6.23
N GLY A 144 -19.57 -0.88 6.49
CA GLY A 144 -18.59 -1.54 5.62
C GLY A 144 -19.23 -1.94 4.31
N GLU A 145 -20.39 -2.57 4.39
CA GLU A 145 -21.23 -3.02 3.25
C GLU A 145 -21.68 -1.79 2.44
N PHE A 146 -22.15 -0.75 3.12
CA PHE A 146 -22.62 0.49 2.46
C PHE A 146 -21.46 1.12 1.69
N ALA A 147 -20.33 1.29 2.37
CA ALA A 147 -19.08 1.87 1.83
C ALA A 147 -18.72 1.12 0.55
N ARG A 148 -18.76 -0.22 0.66
CA ARG A 148 -18.41 -1.21 -0.37
C ARG A 148 -19.39 -1.05 -1.54
N ILE A 149 -20.66 -0.78 -1.29
CA ILE A 149 -21.69 -0.69 -2.37
C ILE A 149 -21.46 0.59 -3.17
N CYS A 150 -21.43 1.74 -2.48
CA CYS A 150 -21.19 3.07 -3.08
C CYS A 150 -19.88 3.05 -3.89
N ARG A 151 -18.87 2.32 -3.42
CA ARG A 151 -17.52 2.27 -4.04
C ARG A 151 -17.60 1.45 -5.33
N ASP A 152 -18.34 0.35 -5.33
CA ASP A 152 -18.40 -0.55 -6.50
C ASP A 152 -19.20 0.15 -7.58
N LEU A 153 -20.39 0.62 -7.24
CA LEU A 153 -21.29 1.23 -8.25
C LEU A 153 -20.65 2.47 -8.88
N SER A 154 -19.77 3.18 -8.17
CA SER A 154 -19.06 4.36 -8.74
C SER A 154 -18.33 3.96 -10.02
N HIS A 155 -17.94 2.69 -10.14
CA HIS A 155 -17.25 2.14 -11.33
C HIS A 155 -18.25 1.82 -12.45
N ILE A 156 -19.53 1.66 -12.13
CA ILE A 156 -20.59 1.46 -13.17
C ILE A 156 -21.11 2.82 -13.63
N GLY A 157 -21.62 3.66 -12.72
CA GLY A 157 -22.29 4.92 -13.08
C GLY A 157 -21.96 6.08 -12.17
N ASP A 158 -22.50 7.25 -12.51
CA ASP A 158 -22.43 8.53 -11.78
C ASP A 158 -23.24 8.53 -10.49
N ALA A 159 -24.42 7.93 -10.59
CA ALA A 159 -25.54 8.11 -9.66
C ALA A 159 -26.05 6.73 -9.23
N VAL A 160 -26.48 6.64 -7.96
CA VAL A 160 -27.17 5.46 -7.39
C VAL A 160 -28.65 5.79 -7.21
N VAL A 161 -29.53 4.86 -7.59
CA VAL A 161 -30.98 4.89 -7.25
C VAL A 161 -31.17 3.93 -6.08
N ILE A 162 -31.71 4.43 -4.96
CA ILE A 162 -32.04 3.59 -3.77
C ILE A 162 -33.55 3.40 -3.74
N SER A 163 -34.01 2.19 -4.07
CA SER A 163 -35.40 1.71 -3.85
C SER A 163 -35.47 1.07 -2.47
N CYS A 164 -36.56 1.26 -1.76
CA CYS A 164 -36.77 0.72 -0.39
C CYS A 164 -38.22 0.20 -0.28
N ALA A 165 -38.38 -1.07 0.09
CA ALA A 165 -39.70 -1.70 0.40
C ALA A 165 -39.58 -2.46 1.73
N LYS A 166 -40.68 -3.06 2.20
CA LYS A 166 -40.71 -3.80 3.49
C LYS A 166 -39.56 -4.81 3.48
N ASP A 167 -39.56 -5.66 2.43
CA ASP A 167 -38.65 -6.82 2.22
C ASP A 167 -37.18 -6.40 2.31
N GLY A 168 -36.81 -5.37 1.54
CA GLY A 168 -35.40 -5.02 1.32
C GLY A 168 -35.21 -3.66 0.68
N VAL A 169 -33.94 -3.37 0.36
CA VAL A 169 -33.42 -2.07 -0.16
C VAL A 169 -32.48 -2.36 -1.33
N LYS A 170 -32.65 -1.66 -2.46
CA LYS A 170 -31.99 -1.99 -3.75
C LYS A 170 -31.21 -0.78 -4.24
N PHE A 171 -29.92 -0.94 -4.44
CA PHE A 171 -28.99 0.11 -4.92
C PHE A 171 -28.65 -0.18 -6.39
N SER A 172 -28.96 0.74 -7.30
CA SER A 172 -28.77 0.57 -8.76
C SER A 172 -27.99 1.74 -9.35
N ALA A 173 -27.20 1.49 -10.40
CA ALA A 173 -26.50 2.52 -11.22
C ALA A 173 -26.42 2.07 -12.68
N SER A 174 -26.47 3.03 -13.61
CA SER A 174 -26.33 2.79 -15.07
C SER A 174 -25.12 3.53 -15.57
N GLY A 175 -24.23 2.79 -16.21
CA GLY A 175 -23.02 3.30 -16.89
C GLY A 175 -23.19 3.29 -18.39
N GLU A 176 -22.16 3.77 -19.09
CA GLU A 176 -21.90 3.45 -20.51
C GLU A 176 -21.62 1.96 -20.64
N LEU A 177 -20.93 1.36 -19.66
CA LEU A 177 -20.44 -0.04 -19.72
C LEU A 177 -21.61 -1.01 -19.48
N GLY A 178 -22.50 -0.66 -18.56
CA GLY A 178 -23.65 -1.51 -18.27
C GLY A 178 -24.55 -0.91 -17.22
N ASN A 179 -24.98 -1.74 -16.26
CA ASN A 179 -25.84 -1.33 -15.13
C ASN A 179 -25.77 -2.46 -14.10
N GLY A 180 -25.93 -2.11 -12.83
CA GLY A 180 -25.95 -3.05 -11.71
C GLY A 180 -27.12 -2.77 -10.80
N ASN A 181 -27.69 -3.84 -10.24
CA ASN A 181 -28.70 -3.76 -9.15
C ASN A 181 -28.18 -4.58 -7.99
N ILE A 182 -27.89 -3.96 -6.86
CA ILE A 182 -27.49 -4.68 -5.62
C ILE A 182 -28.70 -4.67 -4.69
N LYS A 183 -29.26 -5.82 -4.33
CA LYS A 183 -30.45 -5.93 -3.44
C LYS A 183 -30.05 -6.55 -2.08
N LEU A 184 -30.34 -5.88 -0.96
CA LEU A 184 -30.18 -6.39 0.43
C LEU A 184 -31.54 -6.62 1.10
N SER A 185 -31.70 -7.65 1.91
CA SER A 185 -32.96 -8.01 2.59
C SER A 185 -32.85 -7.76 4.11
N GLN A 186 -33.95 -7.36 4.76
CA GLN A 186 -34.04 -7.36 6.26
C GLN A 186 -33.43 -8.69 6.73
N THR A 187 -32.67 -8.75 7.82
CA THR A 187 -31.99 -10.01 8.25
C THR A 187 -32.49 -10.49 9.65
N SER A 188 -32.54 -11.82 9.86
CA SER A 188 -32.25 -12.58 11.12
C SER A 188 -31.16 -12.08 12.10
N ASN A 189 -31.54 -11.76 13.35
CA ASN A 189 -30.68 -11.47 14.55
C ASN A 189 -29.71 -10.29 14.31
N VAL A 190 -29.75 -9.29 15.22
CA VAL A 190 -29.13 -7.93 15.09
C VAL A 190 -27.79 -7.86 15.84
N GLU A 194 -23.96 -4.95 14.20
CA GLU A 194 -22.74 -4.82 13.36
C GLU A 194 -22.93 -5.61 12.05
N GLU A 195 -23.53 -6.79 12.17
CA GLU A 195 -23.79 -7.78 11.08
C GLU A 195 -24.95 -7.38 10.13
N ALA A 196 -26.04 -6.81 10.65
CA ALA A 196 -27.44 -7.02 10.18
C ALA A 196 -27.99 -5.80 9.43
N VAL A 197 -29.00 -6.00 8.58
CA VAL A 197 -29.81 -4.97 7.85
C VAL A 197 -31.26 -4.93 8.34
N THR A 198 -31.80 -3.74 8.66
CA THR A 198 -33.14 -3.54 9.24
C THR A 198 -33.80 -2.33 8.57
N ILE A 199 -35.12 -2.35 8.32
CA ILE A 199 -35.84 -1.29 7.55
C ILE A 199 -37.19 -0.93 8.21
N GLU A 200 -37.22 0.18 8.96
CA GLU A 200 -38.49 0.91 9.28
C GLU A 200 -38.92 1.61 7.97
N MET A 201 -40.17 1.41 7.57
CA MET A 201 -40.68 1.76 6.23
C MET A 201 -42.10 2.29 6.39
N ASN A 202 -42.33 3.59 6.23
CA ASN A 202 -43.67 4.21 6.37
C ASN A 202 -44.37 4.23 5.02
N GLU A 203 -43.64 4.57 3.95
CA GLU A 203 -44.05 4.35 2.54
C GLU A 203 -42.80 3.98 1.75
N PRO A 204 -42.93 3.18 0.67
CA PRO A 204 -41.81 2.86 -0.20
C PRO A 204 -41.25 4.18 -0.75
N VAL A 205 -39.97 4.17 -1.07
CA VAL A 205 -39.22 5.37 -1.52
C VAL A 205 -38.22 4.90 -2.56
N GLN A 206 -38.00 5.70 -3.59
CA GLN A 206 -36.94 5.52 -4.61
C GLN A 206 -36.35 6.90 -4.93
N LEU A 207 -35.12 7.15 -4.51
CA LEU A 207 -34.45 8.46 -4.69
C LEU A 207 -33.10 8.22 -5.39
N THR A 208 -32.51 9.28 -5.96
CA THR A 208 -31.29 9.23 -6.83
C THR A 208 -30.25 10.23 -6.31
N PHE A 209 -29.03 9.74 -6.00
CA PHE A 209 -27.93 10.56 -5.40
C PHE A 209 -26.60 10.36 -6.11
N ALA A 210 -25.77 11.40 -6.10
CA ALA A 210 -24.43 11.42 -6.72
C ALA A 210 -23.45 10.64 -5.86
N LEU A 211 -23.01 9.48 -6.34
CA LEU A 211 -22.05 8.61 -5.61
C LEU A 211 -20.79 9.40 -5.32
N ARG A 212 -20.43 10.32 -6.21
CA ARG A 212 -19.29 11.24 -5.99
C ARG A 212 -19.23 11.57 -4.48
N TYR A 213 -20.35 12.06 -3.93
CA TYR A 213 -20.48 12.62 -2.55
C TYR A 213 -20.54 11.50 -1.52
N LEU A 214 -21.43 10.54 -1.73
CA LEU A 214 -21.58 9.37 -0.83
C LEU A 214 -20.20 8.80 -0.50
N ASN A 215 -19.30 8.76 -1.46
CA ASN A 215 -17.96 8.15 -1.26
C ASN A 215 -17.07 9.08 -0.42
N PHE A 216 -17.43 10.36 -0.28
CA PHE A 216 -16.77 11.25 0.70
C PHE A 216 -17.33 11.01 2.08
N PHE A 217 -18.58 10.57 2.15
CA PHE A 217 -19.29 10.29 3.42
C PHE A 217 -18.66 9.01 4.01
N THR A 218 -18.54 7.97 3.20
CA THR A 218 -18.14 6.63 3.67
C THR A 218 -16.76 6.72 4.36
N LYS A 219 -16.03 7.82 4.19
CA LYS A 219 -14.73 8.04 4.86
C LYS A 219 -14.88 7.97 6.39
N ALA A 220 -16.12 8.00 6.87
CA ALA A 220 -16.49 7.99 8.30
C ALA A 220 -16.71 6.55 8.80
N THR A 221 -16.63 5.55 7.92
CA THR A 221 -17.02 4.14 8.26
C THR A 221 -16.09 3.59 9.36
N PRO A 222 -14.85 4.08 9.56
CA PRO A 222 -14.10 3.67 10.74
C PRO A 222 -14.70 4.20 12.06
N LEU A 223 -15.88 4.84 12.07
CA LEU A 223 -16.46 5.45 13.29
C LEU A 223 -17.52 4.54 13.89
N SER A 224 -18.01 3.62 13.08
CA SER A 224 -19.19 2.79 13.41
C SER A 224 -19.24 1.58 12.47
N SER A 225 -19.51 0.40 13.02
CA SER A 225 -19.83 -0.85 12.29
C SER A 225 -21.04 -0.62 11.39
N THR A 226 -22.07 0.06 11.89
CA THR A 226 -23.28 0.34 11.11
C THR A 226 -23.38 1.83 10.78
N VAL A 227 -24.27 2.11 9.84
CA VAL A 227 -24.66 3.44 9.30
C VAL A 227 -26.17 3.38 9.05
N THR A 228 -26.89 4.47 9.23
CA THR A 228 -28.36 4.51 9.01
C THR A 228 -28.68 5.56 7.95
N LEU A 229 -29.36 5.13 6.90
CA LEU A 229 -29.83 5.96 5.77
C LEU A 229 -31.27 6.37 6.06
N SER A 230 -31.58 7.66 5.98
CA SER A 230 -32.95 8.18 6.26
C SER A 230 -33.43 8.97 5.05
N MET A 231 -34.62 8.67 4.50
CA MET A 231 -35.02 9.21 3.18
C MET A 231 -36.50 9.57 3.19
N SER A 232 -36.83 10.68 2.55
CA SER A 232 -38.20 11.00 2.08
C SER A 232 -38.06 11.71 0.74
N ALA A 233 -39.03 11.57 -0.15
CA ALA A 233 -39.05 12.21 -1.49
C ALA A 233 -38.86 13.72 -1.31
N ASP A 234 -38.21 14.37 -2.28
CA ASP A 234 -37.83 15.82 -2.35
C ASP A 234 -37.49 16.36 -0.94
N VAL A 235 -36.67 15.62 -0.20
CA VAL A 235 -35.98 16.11 1.02
C VAL A 235 -34.68 15.33 1.15
N PRO A 236 -33.59 15.92 1.69
CA PRO A 236 -32.28 15.32 1.59
C PRO A 236 -32.26 13.95 2.26
N LEU A 237 -31.37 13.09 1.76
CA LEU A 237 -30.84 11.87 2.39
C LEU A 237 -30.03 12.28 3.61
N VAL A 238 -30.13 11.50 4.68
CA VAL A 238 -29.28 11.60 5.90
C VAL A 238 -28.50 10.28 6.04
N VAL A 239 -27.16 10.34 5.99
CA VAL A 239 -26.28 9.19 6.29
C VAL A 239 -25.67 9.41 7.67
N GLU A 240 -26.07 8.61 8.66
CA GLU A 240 -25.75 8.84 10.10
C GLU A 240 -24.79 7.76 10.58
N TYR A 241 -23.59 8.19 10.95
CA TYR A 241 -22.52 7.35 11.54
C TYR A 241 -22.51 7.62 13.06
N LYS A 242 -22.90 6.66 13.88
CA LYS A 242 -22.95 6.87 15.35
C LYS A 242 -21.51 6.91 15.87
N ILE A 243 -21.20 7.88 16.74
CA ILE A 243 -19.86 7.98 17.41
C ILE A 243 -19.95 7.49 18.87
N ALA A 244 -19.81 6.18 19.06
CA ALA A 244 -19.38 5.55 20.33
C ALA A 244 -19.94 6.31 21.54
N ASP A 245 -21.26 6.55 21.59
CA ASP A 245 -21.96 7.08 22.80
C ASP A 245 -21.77 8.59 23.01
N MET A 246 -20.71 9.18 22.46
CA MET A 246 -20.39 10.64 22.52
C MET A 246 -21.36 11.47 21.67
N GLY A 247 -21.81 10.91 20.56
CA GLY A 247 -22.81 11.54 19.69
C GLY A 247 -22.88 10.86 18.34
N HIS A 248 -22.76 11.65 17.28
CA HIS A 248 -23.04 11.21 15.89
C HIS A 248 -22.38 12.18 14.89
N LEU A 249 -22.19 11.69 13.66
CA LEU A 249 -21.78 12.45 12.46
C LEU A 249 -22.81 12.17 11.35
N LYS A 250 -23.62 13.17 11.01
CA LYS A 250 -24.67 13.06 9.98
C LYS A 250 -24.16 13.78 8.73
N TYR A 251 -24.27 13.13 7.58
CA TYR A 251 -24.05 13.72 6.24
C TYR A 251 -25.41 13.88 5.56
N TYR A 252 -25.67 15.02 4.92
CA TYR A 252 -26.93 15.31 4.20
C TYR A 252 -26.60 15.61 2.73
N LEU A 253 -27.41 15.09 1.80
CA LEU A 253 -27.20 15.22 0.35
C LEU A 253 -28.54 15.51 -0.33
N ALA A 254 -28.58 16.46 -1.26
CA ALA A 254 -29.80 16.74 -2.05
C ALA A 254 -29.99 15.63 -3.09
N PRO A 255 -31.23 15.28 -3.47
CA PRO A 255 -31.47 14.31 -4.54
C PRO A 255 -31.22 14.88 -5.95
N LYS A 256 -31.85 14.36 -7.00
CA LYS A 256 -31.61 14.84 -8.41
C LYS A 256 -32.94 15.19 -9.12
N ILE A 257 -33.34 14.34 -10.08
CA ILE A 257 -34.46 14.42 -11.08
C ILE A 257 -34.18 15.50 -12.14
N GLU A 258 -34.28 15.11 -13.42
CA GLU A 258 -34.03 15.97 -14.61
C GLU A 258 -35.33 16.68 -14.98
N ASP A 259 -35.83 16.50 -16.20
CA ASP A 259 -36.75 17.47 -16.84
C ASP A 259 -38.20 17.14 -16.46
N MET B 3 42.39 -12.22 -3.03
CA MET B 3 40.92 -12.50 -3.01
C MET B 3 40.31 -12.11 -1.65
N PHE B 4 39.04 -11.68 -1.66
CA PHE B 4 38.20 -11.35 -0.46
C PHE B 4 36.85 -12.07 -0.52
N GLU B 5 36.35 -12.53 0.63
CA GLU B 5 35.11 -13.35 0.77
C GLU B 5 34.61 -13.27 2.21
N ALA B 6 33.34 -12.92 2.38
CA ALA B 6 32.66 -12.83 3.68
C ALA B 6 31.28 -13.48 3.59
N ARG B 7 31.06 -14.48 4.45
CA ARG B 7 29.80 -15.26 4.51
C ARG B 7 28.99 -14.76 5.69
N LEU B 8 27.93 -14.01 5.39
CA LEU B 8 27.01 -13.42 6.41
C LEU B 8 25.76 -14.30 6.50
N VAL B 9 25.53 -14.86 7.69
CA VAL B 9 24.43 -15.84 7.92
C VAL B 9 23.10 -15.09 7.85
N GLN B 10 22.97 -14.00 8.65
CA GLN B 10 21.80 -13.11 8.73
C GLN B 10 21.73 -12.19 7.50
N GLY B 11 21.39 -12.74 6.33
CA GLY B 11 21.25 -11.93 5.11
C GLY B 11 20.65 -10.57 5.43
N SER B 12 19.46 -10.55 6.03
CA SER B 12 18.66 -9.33 6.30
C SER B 12 19.60 -8.17 6.66
N ILE B 13 20.51 -8.40 7.63
CA ILE B 13 21.44 -7.36 8.19
C ILE B 13 21.93 -6.50 7.04
N LEU B 14 22.34 -7.14 5.95
CA LEU B 14 22.94 -6.47 4.78
C LEU B 14 21.85 -5.67 4.04
N LYS B 15 20.76 -6.32 3.64
CA LYS B 15 19.67 -5.62 2.91
C LYS B 15 19.34 -4.33 3.66
N LYS B 16 19.06 -4.44 4.97
CA LYS B 16 18.55 -3.32 5.83
C LYS B 16 19.51 -2.13 5.82
N VAL B 17 20.81 -2.41 5.61
CA VAL B 17 21.91 -1.41 5.54
C VAL B 17 21.75 -0.62 4.25
N LEU B 18 21.74 -1.30 3.12
CA LEU B 18 21.59 -0.61 1.82
C LEU B 18 20.25 0.13 1.75
N GLU B 19 19.23 -0.36 2.43
CA GLU B 19 17.95 0.38 2.60
C GLU B 19 18.25 1.76 3.20
N ALA B 20 19.09 1.80 4.24
CA ALA B 20 19.48 3.04 4.96
C ALA B 20 20.23 4.01 4.03
N LEU B 21 21.20 3.49 3.29
CA LEU B 21 22.21 4.30 2.54
C LEU B 21 21.65 4.82 1.21
N LYS B 22 21.14 3.94 0.34
CA LYS B 22 20.87 4.26 -1.09
C LYS B 22 20.07 5.56 -1.20
N ASP B 23 19.19 5.84 -0.23
CA ASP B 23 18.30 7.02 -0.23
C ASP B 23 19.10 8.30 0.03
N LEU B 24 20.30 8.19 0.62
CA LEU B 24 21.12 9.34 1.09
C LEU B 24 22.37 9.52 0.23
N ILE B 25 22.94 8.43 -0.28
CA ILE B 25 24.22 8.47 -1.02
C ILE B 25 24.16 7.44 -2.14
N ASN B 26 24.50 7.85 -3.37
CA ASN B 26 24.37 7.04 -4.62
C ASN B 26 25.56 6.09 -4.69
N GLU B 27 26.75 6.67 -4.71
CA GLU B 27 28.06 5.97 -4.85
C GLU B 27 28.83 6.19 -3.57
N ALA B 28 29.70 5.24 -3.21
CA ALA B 28 30.52 5.27 -1.97
C ALA B 28 31.59 4.19 -2.06
N CYS B 29 32.70 4.42 -1.35
CA CYS B 29 33.89 3.53 -1.37
C CYS B 29 33.93 2.68 -0.10
N TRP B 30 33.83 1.36 -0.31
CA TRP B 30 33.94 0.32 0.75
C TRP B 30 35.42 0.01 1.00
N ASP B 31 35.90 0.31 2.20
CA ASP B 31 37.26 -0.02 2.65
C ASP B 31 37.17 -1.40 3.33
N ILE B 32 37.81 -2.41 2.76
CA ILE B 32 37.81 -3.82 3.26
C ILE B 32 39.18 -4.12 3.85
N SER B 33 39.18 -4.71 5.03
CA SER B 33 40.35 -4.90 5.90
C SER B 33 40.24 -6.29 6.54
N SER B 34 41.34 -6.89 7.01
CA SER B 34 41.28 -8.04 7.93
C SER B 34 40.42 -7.68 9.14
N SER B 35 40.33 -6.39 9.50
CA SER B 35 39.56 -5.83 10.66
C SER B 35 38.06 -5.74 10.34
N GLY B 36 37.72 -5.77 9.05
CA GLY B 36 36.32 -5.81 8.59
C GLY B 36 36.03 -4.72 7.58
N VAL B 37 34.74 -4.41 7.40
CA VAL B 37 34.24 -3.51 6.35
C VAL B 37 33.86 -2.16 6.96
N ASN B 38 34.50 -1.10 6.47
CA ASN B 38 34.43 0.29 6.98
C ASN B 38 34.15 1.18 5.75
N LEU B 39 33.17 2.08 5.84
CA LEU B 39 32.72 2.95 4.73
C LEU B 39 32.33 4.30 5.30
N GLN B 40 32.67 5.39 4.61
CA GLN B 40 32.42 6.81 5.02
C GLN B 40 32.18 7.61 3.74
N SER B 41 31.16 8.47 3.73
CA SER B 41 30.76 9.25 2.53
C SER B 41 29.78 10.36 2.90
N MET B 42 29.92 11.53 2.27
CA MET B 42 29.01 12.68 2.48
C MET B 42 27.81 12.49 1.54
N ASP B 43 26.76 13.28 1.68
CA ASP B 43 25.62 13.22 0.73
C ASP B 43 26.00 14.05 -0.51
N SER B 44 25.20 13.92 -1.58
CA SER B 44 25.14 14.79 -2.79
C SER B 44 25.67 16.19 -2.48
N SER B 45 25.26 16.72 -1.34
CA SER B 45 25.26 18.16 -1.02
C SER B 45 26.22 18.51 0.10
N HIS B 46 26.90 17.51 0.67
CA HIS B 46 28.05 17.71 1.60
C HIS B 46 27.57 18.30 2.92
N VAL B 47 26.38 17.91 3.40
CA VAL B 47 25.77 18.48 4.65
C VAL B 47 25.68 17.39 5.71
N SER B 48 25.30 16.19 5.28
CA SER B 48 25.25 14.96 6.09
C SER B 48 26.43 14.08 5.70
N LEU B 49 26.87 13.21 6.60
CA LEU B 49 27.95 12.23 6.36
C LEU B 49 27.58 10.91 7.02
N VAL B 50 27.90 9.79 6.38
CA VAL B 50 27.52 8.43 6.85
C VAL B 50 28.78 7.64 7.13
N GLN B 51 28.81 6.88 8.22
CA GLN B 51 30.00 6.08 8.66
C GLN B 51 29.52 4.67 9.00
N LEU B 52 30.08 3.66 8.34
CA LEU B 52 29.63 2.26 8.48
C LEU B 52 30.79 1.41 9.00
N THR B 53 30.53 0.53 9.96
CA THR B 53 31.58 -0.34 10.57
C THR B 53 30.96 -1.71 10.83
N LEU B 54 31.42 -2.73 10.09
CA LEU B 54 31.11 -4.16 10.32
C LEU B 54 32.40 -4.91 10.62
N ARG B 55 32.56 -5.35 11.87
CA ARG B 55 33.72 -6.14 12.32
C ARG B 55 33.68 -7.49 11.59
N SER B 56 34.85 -8.03 11.25
CA SER B 56 35.06 -9.35 10.61
C SER B 56 34.55 -10.49 11.50
N GLU B 57 34.75 -10.36 12.82
CA GLU B 57 34.07 -11.17 13.87
C GLU B 57 32.58 -11.36 13.51
N GLY B 58 31.94 -10.33 12.97
CA GLY B 58 30.50 -10.30 12.66
C GLY B 58 30.10 -11.46 11.78
N PHE B 59 30.94 -11.82 10.82
CA PHE B 59 30.59 -12.76 9.73
C PHE B 59 30.98 -14.19 10.12
N ASP B 60 30.45 -15.18 9.40
CA ASP B 60 30.74 -16.63 9.65
C ASP B 60 32.07 -17.01 9.00
N THR B 61 32.19 -16.84 7.67
CA THR B 61 33.49 -16.70 6.96
C THR B 61 33.89 -15.23 7.00
N TYR B 62 35.18 -14.93 6.97
CA TYR B 62 35.72 -13.61 6.56
C TYR B 62 37.19 -13.81 6.18
N ARG B 63 37.56 -13.42 4.96
CA ARG B 63 38.95 -13.57 4.48
C ARG B 63 39.24 -12.46 3.48
N CYS B 64 40.19 -11.59 3.85
CA CYS B 64 40.70 -10.44 3.07
C CYS B 64 42.23 -10.38 3.23
N ASP B 65 42.97 -10.44 2.13
CA ASP B 65 44.46 -10.60 2.11
C ASP B 65 45.11 -9.22 2.12
N ARG B 66 44.75 -8.38 1.14
CA ARG B 66 45.14 -6.95 0.94
C ARG B 66 43.90 -6.07 1.21
N ASN B 67 44.04 -4.89 1.81
CA ASN B 67 42.97 -3.86 1.84
C ASN B 67 42.38 -3.71 0.44
N LEU B 68 41.06 -3.76 0.29
CA LEU B 68 40.39 -3.41 -1.00
C LEU B 68 39.74 -2.05 -0.86
N ALA B 69 39.60 -1.35 -1.97
CA ALA B 69 38.87 -0.07 -2.07
C ALA B 69 37.80 -0.24 -3.15
N MET B 70 36.67 -0.83 -2.78
CA MET B 70 35.58 -1.13 -3.75
C MET B 70 34.66 0.08 -3.89
N GLY B 71 34.59 0.65 -5.09
CA GLY B 71 33.66 1.74 -5.39
C GLY B 71 32.36 1.17 -5.91
N VAL B 72 31.23 1.59 -5.36
CA VAL B 72 29.91 0.92 -5.61
C VAL B 72 28.80 1.96 -5.76
N ASN B 73 28.02 1.86 -6.84
CA ASN B 73 26.72 2.54 -6.99
C ASN B 73 25.75 1.81 -6.06
N LEU B 74 25.44 2.39 -4.90
CA LEU B 74 24.62 1.73 -3.85
C LEU B 74 23.19 1.50 -4.34
N THR B 75 22.73 2.33 -5.28
CA THR B 75 21.39 2.13 -5.90
C THR B 75 21.46 0.81 -6.66
N SER B 76 22.47 0.64 -7.52
CA SER B 76 22.77 -0.64 -8.23
C SER B 76 22.71 -1.79 -7.23
N MET B 77 23.40 -1.65 -6.10
CA MET B 77 23.60 -2.74 -5.13
C MET B 77 22.30 -2.98 -4.36
N SER B 78 21.58 -1.93 -3.96
CA SER B 78 20.29 -2.13 -3.28
C SER B 78 19.42 -3.00 -4.18
N LYS B 79 19.28 -2.61 -5.44
CA LYS B 79 18.48 -3.35 -6.46
C LYS B 79 18.80 -4.84 -6.39
N ILE B 80 20.09 -5.18 -6.25
CA ILE B 80 20.56 -6.59 -6.19
C ILE B 80 20.07 -7.21 -4.89
N LEU B 81 20.32 -6.57 -3.75
CA LEU B 81 19.95 -7.10 -2.40
C LEU B 81 18.43 -7.25 -2.26
N LYS B 82 17.64 -6.44 -2.96
CA LYS B 82 16.17 -6.57 -2.98
C LYS B 82 15.83 -7.97 -3.51
N CYS B 83 16.70 -8.59 -4.31
CA CYS B 83 16.47 -9.94 -4.89
C CYS B 83 16.94 -11.06 -3.94
N ALA B 84 17.21 -10.72 -2.68
CA ALA B 84 17.68 -11.66 -1.63
C ALA B 84 16.57 -11.81 -0.60
N GLY B 85 16.14 -13.03 -0.31
CA GLY B 85 15.19 -13.32 0.78
C GLY B 85 15.77 -12.90 2.10
N ASN B 86 14.92 -12.55 3.06
CA ASN B 86 15.33 -12.09 4.40
C ASN B 86 16.09 -13.21 5.13
N GLU B 87 15.68 -14.48 4.95
CA GLU B 87 16.33 -15.64 5.61
C GLU B 87 17.60 -16.02 4.84
N ASP B 88 17.92 -15.33 3.74
CA ASP B 88 18.99 -15.77 2.81
C ASP B 88 20.35 -15.65 3.52
N ILE B 89 21.26 -16.59 3.27
CA ILE B 89 22.70 -16.48 3.61
C ILE B 89 23.35 -15.69 2.49
N ILE B 90 23.94 -14.53 2.79
CA ILE B 90 24.57 -13.70 1.73
C ILE B 90 26.10 -13.80 1.85
N THR B 91 26.73 -14.40 0.84
CA THR B 91 28.20 -14.55 0.71
C THR B 91 28.64 -13.46 -0.26
N LEU B 92 29.68 -12.69 0.05
CA LEU B 92 30.29 -11.66 -0.87
C LEU B 92 31.66 -12.13 -1.32
N ARG B 93 32.08 -11.76 -2.53
CA ARG B 93 33.38 -12.22 -3.09
C ARG B 93 33.88 -11.21 -4.12
N ALA B 94 35.15 -10.80 -3.99
CA ALA B 94 35.87 -9.98 -4.99
C ALA B 94 37.33 -10.45 -5.09
N GLU B 95 37.89 -10.47 -6.30
CA GLU B 95 39.35 -10.63 -6.53
C GLU B 95 39.99 -9.23 -6.45
N ASP B 96 41.32 -9.10 -6.48
CA ASP B 96 42.04 -7.79 -6.38
C ASP B 96 41.83 -6.98 -7.67
N ASN B 97 42.35 -7.52 -8.78
CA ASN B 97 42.22 -7.02 -10.18
C ASN B 97 40.76 -7.02 -10.63
N ALA B 98 39.89 -7.71 -9.88
CA ALA B 98 38.42 -7.71 -10.09
C ALA B 98 37.90 -6.27 -9.91
N ASP B 99 37.16 -5.84 -10.94
CA ASP B 99 36.39 -4.57 -11.02
C ASP B 99 34.91 -4.94 -11.02
N THR B 100 34.58 -6.18 -10.64
CA THR B 100 33.21 -6.61 -10.29
C THR B 100 33.21 -7.26 -8.89
N LEU B 101 32.15 -7.00 -8.15
CA LEU B 101 31.82 -7.69 -6.87
C LEU B 101 30.72 -8.72 -7.12
N ALA B 102 31.00 -9.98 -6.79
CA ALA B 102 30.04 -11.10 -6.78
C ALA B 102 29.25 -11.10 -5.46
N LEU B 103 27.93 -11.28 -5.52
CA LEU B 103 27.07 -11.57 -4.33
C LEU B 103 26.35 -12.89 -4.57
N VAL B 104 26.31 -13.77 -3.56
CA VAL B 104 25.69 -15.12 -3.67
C VAL B 104 24.69 -15.29 -2.51
N PHE B 105 23.41 -15.49 -2.84
CA PHE B 105 22.31 -15.67 -1.88
C PHE B 105 21.88 -17.15 -1.86
N GLU B 106 22.25 -17.87 -0.78
CA GLU B 106 21.74 -19.21 -0.45
C GLU B 106 20.41 -19.10 0.32
N ALA B 107 19.44 -20.00 0.06
CA ALA B 107 18.07 -19.97 0.61
C ALA B 107 18.00 -20.62 1.99
N PRO B 108 16.92 -20.36 2.79
CA PRO B 108 16.58 -21.22 3.92
C PRO B 108 16.18 -22.63 3.42
N ASN B 109 16.88 -23.63 3.98
CA ASN B 109 16.98 -25.05 3.55
C ASN B 109 17.14 -25.13 2.02
N GLN B 110 17.97 -24.27 1.40
CA GLN B 110 18.77 -24.48 0.15
C GLN B 110 18.04 -25.24 -0.99
N GLU B 111 16.86 -24.76 -1.39
CA GLU B 111 16.14 -25.23 -2.62
C GLU B 111 16.82 -24.57 -3.84
N LYS B 112 17.31 -23.35 -3.59
CA LYS B 112 17.50 -22.23 -4.53
C LYS B 112 18.83 -21.57 -4.19
N VAL B 113 19.53 -21.06 -5.19
CA VAL B 113 20.76 -20.23 -5.01
C VAL B 113 20.79 -19.16 -6.07
N SER B 114 20.47 -17.92 -5.69
CA SER B 114 20.71 -16.71 -6.51
C SER B 114 22.21 -16.38 -6.47
N ASP B 115 22.73 -15.63 -7.45
CA ASP B 115 24.20 -15.53 -7.73
C ASP B 115 24.46 -14.34 -8.68
N TYR B 116 24.43 -13.11 -8.14
CA TYR B 116 24.61 -11.85 -8.91
C TYR B 116 26.09 -11.53 -9.02
N GLU B 117 26.37 -10.41 -9.66
CA GLU B 117 27.72 -9.94 -10.01
C GLU B 117 27.54 -8.50 -10.47
N MET B 118 28.19 -7.58 -9.78
CA MET B 118 27.92 -6.13 -9.91
C MET B 118 29.18 -5.41 -10.37
N LYS B 119 29.05 -4.51 -11.35
CA LYS B 119 30.16 -3.68 -11.86
C LYS B 119 30.53 -2.67 -10.76
N LEU B 120 31.82 -2.36 -10.59
CA LEU B 120 32.30 -1.36 -9.61
C LEU B 120 32.51 -0.02 -10.32
N MET B 121 33.21 0.92 -9.69
CA MET B 121 33.67 2.22 -10.28
C MET B 121 34.92 2.68 -9.53
N ASP B 122 35.76 3.52 -10.12
CA ASP B 122 36.87 4.16 -9.37
C ASP B 122 36.29 5.39 -8.69
N LEU B 123 36.69 5.65 -7.44
CA LEU B 123 36.22 6.81 -6.66
C LEU B 123 37.38 7.52 -5.97
N ASP B 124 37.40 8.85 -6.09
CA ASP B 124 38.15 9.81 -5.23
C ASP B 124 37.43 9.89 -3.88
N VAL B 125 38.15 9.71 -2.78
CA VAL B 125 37.53 9.71 -1.42
C VAL B 125 38.48 10.41 -0.44
N GLU B 126 38.31 11.73 -0.30
CA GLU B 126 38.99 12.50 0.77
C GLU B 126 38.33 12.06 2.07
N GLN B 127 39.01 11.15 2.77
CA GLN B 127 38.57 10.62 4.08
C GLN B 127 38.62 11.82 5.04
N LEU B 128 37.47 12.11 5.68
CA LEU B 128 37.34 13.22 6.67
C LEU B 128 37.72 12.70 8.05
N GLY B 129 38.64 13.40 8.73
CA GLY B 129 39.00 13.09 10.12
C GLY B 129 37.81 13.38 11.01
N ILE B 130 37.10 12.35 11.48
CA ILE B 130 36.06 12.47 12.53
C ILE B 130 36.76 12.22 13.85
N PRO B 131 36.90 13.21 14.75
CA PRO B 131 37.48 12.97 16.07
C PRO B 131 36.50 12.20 16.98
N GLU B 132 37.02 11.32 17.83
CA GLU B 132 36.35 10.82 19.06
C GLU B 132 36.21 12.04 20.00
N GLN B 133 35.01 12.32 20.51
CA GLN B 133 34.68 13.52 21.33
C GLN B 133 33.55 13.17 22.30
N GLU B 134 33.68 13.58 23.56
CA GLU B 134 32.56 13.60 24.54
C GLU B 134 31.51 14.59 23.99
N TYR B 135 30.22 14.30 24.21
CA TYR B 135 29.10 15.12 23.72
C TYR B 135 28.29 15.68 24.89
N SER B 136 27.99 16.97 24.82
CA SER B 136 27.23 17.71 25.85
C SER B 136 25.99 16.91 26.25
N CYS B 137 25.27 16.39 25.27
CA CYS B 137 24.09 15.50 25.46
C CYS B 137 24.19 14.28 24.56
N VAL B 138 23.99 13.10 25.15
CA VAL B 138 23.77 11.82 24.44
C VAL B 138 22.42 11.26 24.87
N VAL B 139 21.54 10.97 23.92
CA VAL B 139 20.18 10.43 24.21
C VAL B 139 20.07 9.02 23.61
N LYS B 140 19.65 8.04 24.41
CA LYS B 140 19.38 6.65 23.94
C LYS B 140 17.86 6.48 24.05
N MET B 141 17.20 6.13 22.95
CA MET B 141 15.72 6.09 22.87
C MET B 141 15.28 5.11 21.78
N PRO B 142 14.02 4.64 21.82
CA PRO B 142 13.47 3.80 20.76
C PRO B 142 13.67 4.46 19.39
N SER B 143 14.28 3.70 18.47
CA SER B 143 14.58 4.09 17.07
C SER B 143 13.27 4.37 16.36
N GLY B 144 12.27 3.57 16.74
CA GLY B 144 10.91 3.60 16.19
C GLY B 144 10.25 4.92 16.52
N GLU B 145 10.35 5.32 17.80
CA GLU B 145 9.83 6.61 18.33
C GLU B 145 10.55 7.77 17.62
N PHE B 146 11.87 7.71 17.50
CA PHE B 146 12.66 8.78 16.85
C PHE B 146 12.21 8.95 15.40
N ALA B 147 12.18 7.83 14.68
CA ALA B 147 11.74 7.75 13.27
C ALA B 147 10.38 8.44 13.11
N ARG B 148 9.47 8.04 14.01
CA ARG B 148 8.05 8.46 14.09
C ARG B 148 8.02 9.97 14.36
N ILE B 149 8.92 10.48 15.19
CA ILE B 149 8.90 11.92 15.59
C ILE B 149 9.32 12.76 14.39
N CYS B 150 10.50 12.47 13.83
CA CYS B 150 11.06 13.20 12.65
C CYS B 150 10.04 13.16 11.50
N ARG B 151 9.30 12.06 11.37
CA ARG B 151 8.32 11.88 10.25
C ARG B 151 7.09 12.74 10.47
N ASP B 152 6.62 12.86 11.71
CA ASP B 152 5.41 13.64 12.03
C ASP B 152 5.74 15.11 11.85
N LEU B 153 6.80 15.57 12.49
CA LEU B 153 7.13 17.02 12.50
C LEU B 153 7.40 17.50 11.07
N SER B 154 7.87 16.63 10.17
CA SER B 154 8.10 16.99 8.75
C SER B 154 6.82 17.55 8.15
N HIS B 155 5.65 17.16 8.69
CA HIS B 155 4.31 17.65 8.23
C HIS B 155 3.98 19.01 8.86
N ILE B 156 4.67 19.39 9.94
CA ILE B 156 4.53 20.76 10.53
C ILE B 156 5.50 21.72 9.85
N GLY B 157 6.79 21.40 9.82
CA GLY B 157 7.82 22.33 9.33
C GLY B 157 8.96 21.64 8.61
N ASP B 158 9.89 22.46 8.11
CA ASP B 158 11.19 22.15 7.47
C ASP B 158 12.19 21.55 8.44
N ALA B 159 12.22 22.09 9.66
CA ALA B 159 13.35 22.00 10.60
C ALA B 159 12.84 21.59 11.99
N VAL B 160 13.65 20.79 12.68
CA VAL B 160 13.41 20.37 14.10
C VAL B 160 14.43 21.09 14.98
N VAL B 161 13.95 21.60 16.13
CA VAL B 161 14.80 22.11 17.22
C VAL B 161 14.84 21.01 18.28
N ILE B 162 16.04 20.57 18.66
CA ILE B 162 16.21 19.55 19.74
C ILE B 162 16.74 20.28 20.97
N SER B 163 15.90 20.45 22.00
CA SER B 163 16.31 20.87 23.37
C SER B 163 16.59 19.62 24.18
N CYS B 164 17.59 19.63 25.06
CA CYS B 164 17.97 18.48 25.93
C CYS B 164 18.43 18.95 27.31
N ALA B 165 17.91 18.35 28.40
CA ALA B 165 18.34 18.57 29.81
C ALA B 165 18.36 17.22 30.53
N LYS B 166 18.73 17.22 31.81
CA LYS B 166 18.78 16.04 32.72
C LYS B 166 17.45 15.29 32.56
N ASP B 167 16.35 16.02 32.82
CA ASP B 167 14.95 15.55 32.94
C ASP B 167 14.52 14.85 31.64
N GLY B 168 14.72 15.49 30.49
CA GLY B 168 14.15 15.02 29.21
C GLY B 168 14.71 15.75 27.99
N VAL B 169 14.12 15.49 26.81
CA VAL B 169 14.54 15.97 25.46
C VAL B 169 13.27 16.40 24.70
N LYS B 170 13.28 17.55 24.04
CA LYS B 170 12.10 18.12 23.33
C LYS B 170 12.43 18.32 21.86
N PHE B 171 11.65 17.71 20.98
CA PHE B 171 11.72 17.90 19.52
C PHE B 171 10.59 18.83 19.06
N SER B 172 10.93 19.97 18.45
CA SER B 172 9.97 21.05 18.07
C SER B 172 10.16 21.45 16.61
N ALA B 173 9.10 21.95 15.96
CA ALA B 173 9.11 22.55 14.60
C ALA B 173 8.06 23.66 14.50
N SER B 174 8.23 24.63 13.61
CA SER B 174 7.22 25.67 13.29
C SER B 174 6.87 25.57 11.82
N GLY B 175 5.57 25.50 11.55
CA GLY B 175 4.97 25.49 10.20
C GLY B 175 4.26 26.80 9.94
N GLU B 176 3.69 26.94 8.75
CA GLU B 176 2.65 27.95 8.43
C GLU B 176 1.42 27.64 9.28
N LEU B 177 1.12 26.35 9.45
CA LEU B 177 -0.12 25.84 10.09
C LEU B 177 -0.09 26.05 11.60
N GLY B 178 1.06 25.87 12.22
CA GLY B 178 1.19 26.04 13.66
C GLY B 178 2.61 25.78 14.10
N ASN B 179 2.75 25.01 15.18
CA ASN B 179 4.04 24.55 15.73
C ASN B 179 3.76 23.40 16.68
N GLY B 180 4.71 22.49 16.83
CA GLY B 180 4.58 21.27 17.64
C GLY B 180 5.76 21.09 18.54
N ASN B 181 5.54 20.64 19.79
CA ASN B 181 6.60 20.27 20.75
C ASN B 181 6.36 18.85 21.20
N ILE B 182 7.25 17.93 20.88
CA ILE B 182 7.17 16.53 21.37
C ILE B 182 8.24 16.38 22.46
N LYS B 183 7.83 16.13 23.71
CA LYS B 183 8.73 16.11 24.90
C LYS B 183 8.75 14.68 25.47
N LEU B 184 9.93 14.06 25.56
CA LEU B 184 10.16 12.71 26.16
C LEU B 184 10.96 12.86 27.45
N SER B 185 10.64 12.09 28.50
CA SER B 185 11.37 12.12 29.81
C SER B 185 12.26 10.88 29.95
N GLN B 186 13.43 11.02 30.58
CA GLN B 186 14.29 9.88 30.99
C GLN B 186 13.31 8.86 31.59
N THR B 187 13.53 7.56 31.36
CA THR B 187 12.58 6.49 31.71
C THR B 187 12.71 6.16 33.20
N SER B 188 11.65 6.44 33.96
CA SER B 188 11.39 5.90 35.32
C SER B 188 11.11 4.40 35.20
N ASN B 189 10.95 3.70 36.33
CA ASN B 189 10.82 2.22 36.41
C ASN B 189 11.87 1.65 35.43
N VAL B 190 13.10 2.21 35.52
CA VAL B 190 14.08 2.40 34.39
C VAL B 190 14.05 1.15 33.48
N ASP B 191 13.28 1.23 32.40
CA ASP B 191 12.41 0.12 31.91
C ASP B 191 13.26 -0.95 31.19
N LYS B 192 12.60 -2.03 30.75
CA LYS B 192 13.01 -2.87 29.60
C LYS B 192 13.27 -1.92 28.41
N GLU B 193 14.52 -1.87 27.93
CA GLU B 193 15.27 -0.66 27.45
C GLU B 193 14.94 -0.26 25.98
N GLU B 194 14.27 -1.12 25.22
CA GLU B 194 13.92 -0.83 23.80
C GLU B 194 12.64 0.00 23.71
N GLU B 195 11.94 0.20 24.85
CA GLU B 195 10.86 1.22 25.03
C GLU B 195 11.42 2.41 25.81
N ALA B 196 12.63 2.30 26.40
CA ALA B 196 13.18 3.22 27.42
C ALA B 196 14.09 4.29 26.81
N VAL B 197 14.06 5.46 27.45
CA VAL B 197 14.83 6.71 27.15
C VAL B 197 15.78 7.01 28.30
N THR B 198 17.04 7.29 27.98
CA THR B 198 18.11 7.63 28.95
C THR B 198 18.87 8.85 28.40
N ILE B 199 19.27 9.77 29.26
CA ILE B 199 19.99 11.03 28.87
C ILE B 199 21.20 11.27 29.78
N GLU B 200 22.39 10.91 29.28
CA GLU B 200 23.69 11.43 29.79
C GLU B 200 23.77 12.88 29.33
N MET B 201 24.02 13.81 30.26
CA MET B 201 23.83 15.27 30.04
C MET B 201 24.97 16.02 30.75
N ASN B 202 25.90 16.60 30.00
CA ASN B 202 27.00 17.42 30.56
C ASN B 202 26.55 18.88 30.67
N GLU B 203 25.92 19.38 29.62
CA GLU B 203 25.33 20.75 29.56
C GLU B 203 24.06 20.64 28.76
N PRO B 204 23.00 21.42 29.10
CA PRO B 204 21.82 21.51 28.25
C PRO B 204 22.26 22.03 26.88
N VAL B 205 21.52 21.67 25.84
CA VAL B 205 21.90 21.92 24.42
C VAL B 205 20.58 22.07 23.66
N GLN B 206 20.57 22.99 22.69
CA GLN B 206 19.43 23.23 21.77
C GLN B 206 19.97 23.55 20.37
N LEU B 207 19.76 22.65 19.41
CA LEU B 207 20.28 22.76 18.03
C LEU B 207 19.11 22.59 17.07
N THR B 208 19.31 22.96 15.80
CA THR B 208 18.29 23.04 14.72
C THR B 208 18.79 22.30 13.47
N PHE B 209 18.06 21.28 13.02
CA PHE B 209 18.45 20.39 11.88
C PHE B 209 17.32 20.22 10.87
N ALA B 210 17.70 20.00 9.61
CA ALA B 210 16.77 19.78 8.49
C ALA B 210 16.18 18.38 8.60
N LEU B 211 14.88 18.28 8.88
CA LEU B 211 14.18 16.97 8.98
C LEU B 211 14.36 16.22 7.68
N ARG B 212 14.39 16.95 6.57
CA ARG B 212 14.70 16.39 5.23
C ARG B 212 15.70 15.22 5.40
N TYR B 213 16.85 15.49 6.06
CA TYR B 213 18.00 14.57 6.19
C TYR B 213 17.74 13.50 7.24
N LEU B 214 17.32 13.92 8.44
CA LEU B 214 16.98 13.00 9.56
C LEU B 214 16.11 11.88 9.03
N ASN B 215 15.19 12.17 8.12
CA ASN B 215 14.23 11.16 7.60
C ASN B 215 14.94 10.23 6.61
N PHE B 216 16.11 10.59 6.09
CA PHE B 216 16.96 9.64 5.33
C PHE B 216 17.72 8.75 6.30
N PHE B 217 17.99 9.27 7.49
CA PHE B 217 18.73 8.52 8.53
C PHE B 217 17.80 7.44 9.08
N THR B 218 16.57 7.80 9.42
CA THR B 218 15.65 6.89 10.13
C THR B 218 15.40 5.65 9.26
N LYS B 219 15.78 5.66 7.99
CA LYS B 219 15.70 4.48 7.08
C LYS B 219 16.47 3.29 7.67
N ALA B 220 17.30 3.55 8.68
CA ALA B 220 18.17 2.56 9.35
C ALA B 220 17.47 1.95 10.56
N THR B 221 16.25 2.40 10.92
CA THR B 221 15.58 1.98 12.17
C THR B 221 15.30 0.48 12.16
N PRO B 222 15.15 -0.19 11.00
CA PRO B 222 15.06 -1.64 11.03
C PRO B 222 16.37 -2.31 11.45
N LEU B 223 17.39 -1.60 11.91
CA LEU B 223 18.70 -2.22 12.25
C LEU B 223 18.83 -2.42 13.75
N SER B 224 18.02 -1.68 14.50
CA SER B 224 18.13 -1.57 15.97
C SER B 224 16.84 -1.00 16.53
N SER B 225 16.39 -1.57 17.65
CA SER B 225 15.28 -1.08 18.50
C SER B 225 15.58 0.35 18.96
N THR B 226 16.81 0.61 19.38
CA THR B 226 17.21 1.95 19.85
C THR B 226 18.16 2.61 18.84
N VAL B 227 18.29 3.92 19.05
CA VAL B 227 19.16 4.88 18.32
C VAL B 227 19.69 5.83 19.38
N THR B 228 20.92 6.32 19.22
CA THR B 228 21.53 7.24 20.19
C THR B 228 21.87 8.54 19.45
N LEU B 229 21.32 9.66 19.92
CA LEU B 229 21.58 11.03 19.42
C LEU B 229 22.68 11.66 20.26
N SER B 230 23.72 12.20 19.63
CA SER B 230 24.87 12.80 20.34
C SER B 230 25.06 14.24 19.86
N MET B 231 25.09 15.22 20.76
CA MET B 231 25.05 16.65 20.36
C MET B 231 25.99 17.48 21.21
N SER B 232 26.63 18.45 20.59
CA SER B 232 27.29 19.59 21.26
C SER B 232 27.00 20.81 20.39
N ALA B 233 26.93 22.00 20.99
CA ALA B 233 26.67 23.26 20.27
C ALA B 233 27.73 23.43 19.18
N ASP B 234 27.36 24.07 18.07
CA ASP B 234 28.19 24.37 16.87
C ASP B 234 29.09 23.15 16.52
N VAL B 235 28.56 21.92 16.59
CA VAL B 235 29.26 20.69 16.09
C VAL B 235 28.19 19.69 15.69
N PRO B 236 28.44 18.83 14.67
CA PRO B 236 27.37 18.05 14.08
C PRO B 236 26.74 17.11 15.10
N LEU B 237 25.46 16.84 14.88
CA LEU B 237 24.69 15.74 15.47
C LEU B 237 25.25 14.42 14.96
N VAL B 238 25.29 13.42 15.83
CA VAL B 238 25.59 12.00 15.49
C VAL B 238 24.35 11.14 15.82
N VAL B 239 23.77 10.51 14.81
CA VAL B 239 22.67 9.52 14.99
C VAL B 239 23.26 8.12 14.79
N GLU B 240 23.34 7.31 15.86
CA GLU B 240 24.06 6.00 15.88
C GLU B 240 23.02 4.88 15.98
N TYR B 241 22.95 4.06 14.94
CA TYR B 241 22.11 2.84 14.86
C TYR B 241 23.03 1.62 15.07
N LYS B 242 22.90 0.92 16.19
CA LYS B 242 23.69 -0.30 16.49
C LYS B 242 23.32 -1.41 15.50
N ILE B 243 24.31 -2.08 14.92
CA ILE B 243 24.07 -3.29 14.06
C ILE B 243 24.42 -4.57 14.81
N ALA B 244 23.48 -5.10 15.57
CA ALA B 244 23.39 -6.52 15.95
C ALA B 244 24.80 -7.13 16.16
N ASP B 245 25.63 -6.52 17.00
CA ASP B 245 26.91 -7.12 17.48
C ASP B 245 28.05 -6.99 16.49
N MET B 246 27.76 -6.88 15.19
CA MET B 246 28.75 -6.72 14.08
C MET B 246 29.42 -5.36 14.11
N GLY B 247 28.69 -4.32 14.52
CA GLY B 247 29.20 -2.95 14.62
C GLY B 247 28.06 -1.96 14.66
N HIS B 248 28.08 -0.97 13.78
CA HIS B 248 27.24 0.25 13.88
C HIS B 248 27.18 0.98 12.54
N LEU B 249 26.17 1.85 12.42
CA LEU B 249 25.98 2.83 11.33
C LEU B 249 25.73 4.19 11.98
N LYS B 250 26.66 5.13 11.83
CA LYS B 250 26.55 6.50 12.38
C LYS B 250 26.22 7.45 11.22
N TYR B 251 25.24 8.32 11.42
CA TYR B 251 24.88 9.45 10.52
C TYR B 251 25.33 10.74 11.19
N TYR B 252 25.93 11.68 10.46
CA TYR B 252 26.38 13.00 10.95
C TYR B 252 25.68 14.11 10.15
N LEU B 253 25.21 15.17 10.81
CA LEU B 253 24.43 16.27 10.19
C LEU B 253 24.89 17.61 10.77
N ALA B 254 25.14 18.61 9.93
CA ALA B 254 25.46 19.98 10.37
C ALA B 254 24.19 20.66 10.89
N PRO B 255 24.29 21.58 11.87
CA PRO B 255 23.13 22.37 12.31
C PRO B 255 22.75 23.51 11.35
N LYS B 256 22.20 24.66 11.81
CA LYS B 256 21.79 25.83 10.96
C LYS B 256 22.37 27.17 11.44
N ILE B 257 21.64 28.31 11.29
CA ILE B 257 22.04 29.72 11.69
C ILE B 257 20.83 30.66 11.56
N MET C 3 -30.65 -19.44 -25.69
CA MET C 3 -30.19 -18.84 -24.41
C MET C 3 -28.97 -19.62 -23.92
N PHE C 4 -28.06 -18.92 -23.21
CA PHE C 4 -26.88 -19.48 -22.49
C PHE C 4 -26.86 -19.01 -21.03
N GLU C 5 -26.44 -19.92 -20.13
CA GLU C 5 -26.41 -19.70 -18.66
C GLU C 5 -25.47 -20.72 -18.02
N ALA C 6 -24.55 -20.21 -17.20
CA ALA C 6 -23.53 -21.00 -16.47
C ALA C 6 -23.45 -20.56 -15.01
N ARG C 7 -23.69 -21.50 -14.09
CA ARG C 7 -23.72 -21.24 -12.64
C ARG C 7 -22.41 -21.78 -12.05
N LEU C 8 -21.54 -20.85 -11.69
CA LEU C 8 -20.25 -21.14 -11.06
C LEU C 8 -20.32 -20.92 -9.55
N VAL C 9 -20.11 -21.99 -8.78
CA VAL C 9 -20.16 -22.03 -7.28
C VAL C 9 -19.08 -21.07 -6.74
N GLN C 10 -17.84 -21.39 -7.09
CA GLN C 10 -16.58 -20.71 -6.68
C GLN C 10 -16.46 -19.38 -7.42
N GLY C 11 -17.28 -18.38 -7.10
CA GLY C 11 -17.17 -17.05 -7.71
C GLY C 11 -15.71 -16.69 -7.97
N SER C 12 -14.91 -16.66 -6.90
CA SER C 12 -13.49 -16.25 -6.93
C SER C 12 -12.83 -16.68 -8.24
N ILE C 13 -12.95 -17.97 -8.60
CA ILE C 13 -12.26 -18.60 -9.78
C ILE C 13 -12.37 -17.63 -10.96
N LEU C 14 -13.53 -17.03 -11.14
CA LEU C 14 -13.78 -16.15 -12.30
C LEU C 14 -13.06 -14.81 -12.10
N LYS C 15 -13.27 -14.14 -10.96
CA LYS C 15 -12.58 -12.87 -10.66
C LYS C 15 -11.10 -13.05 -10.97
N LYS C 16 -10.47 -14.09 -10.43
CA LYS C 16 -8.99 -14.36 -10.50
C LYS C 16 -8.49 -14.45 -11.94
N VAL C 17 -9.39 -14.87 -12.85
CA VAL C 17 -9.13 -14.98 -14.31
C VAL C 17 -9.01 -13.57 -14.89
N LEU C 18 -10.04 -12.75 -14.72
CA LEU C 18 -9.99 -11.37 -15.26
C LEU C 18 -8.83 -10.60 -14.63
N GLU C 19 -8.46 -10.91 -13.38
CA GLU C 19 -7.22 -10.37 -12.75
C GLU C 19 -6.04 -10.65 -13.67
N ALA C 20 -5.91 -11.88 -14.19
CA ALA C 20 -4.80 -12.31 -15.07
C ALA C 20 -4.80 -11.53 -16.40
N LEU C 21 -5.97 -11.41 -17.03
CA LEU C 21 -6.13 -10.96 -18.44
C LEU C 21 -6.09 -9.43 -18.55
N LYS C 22 -6.97 -8.71 -17.85
CA LYS C 22 -7.30 -7.28 -18.15
C LYS C 22 -6.02 -6.43 -18.27
N ASP C 23 -4.99 -6.78 -17.51
CA ASP C 23 -3.70 -6.05 -17.46
C ASP C 23 -2.89 -6.31 -18.74
N LEU C 24 -3.22 -7.36 -19.52
CA LEU C 24 -2.45 -7.80 -20.73
C LEU C 24 -3.24 -7.55 -22.01
N ILE C 25 -4.57 -7.65 -21.94
CA ILE C 25 -5.43 -7.54 -23.15
C ILE C 25 -6.74 -6.82 -22.77
N ASN C 26 -7.11 -5.77 -23.53
CA ASN C 26 -8.17 -4.80 -23.15
C ASN C 26 -9.51 -5.39 -23.55
N GLU C 27 -9.63 -5.71 -24.84
CA GLU C 27 -10.82 -6.30 -25.49
C GLU C 27 -10.46 -7.73 -25.89
N ALA C 28 -11.43 -8.64 -25.93
CA ALA C 28 -11.23 -10.06 -26.31
C ALA C 28 -12.57 -10.78 -26.55
N CYS C 29 -12.53 -11.82 -27.39
CA CYS C 29 -13.72 -12.57 -27.86
C CYS C 29 -13.82 -13.92 -27.13
N TRP C 30 -14.88 -14.06 -26.34
CA TRP C 30 -15.24 -15.28 -25.58
C TRP C 30 -16.03 -16.23 -26.48
N ASP C 31 -15.47 -17.40 -26.76
CA ASP C 31 -16.12 -18.45 -27.58
C ASP C 31 -16.84 -19.39 -26.61
N ILE C 32 -18.17 -19.44 -26.66
CA ILE C 32 -19.04 -20.24 -25.75
C ILE C 32 -19.62 -21.40 -26.55
N SER C 33 -19.54 -22.59 -25.97
CA SER C 33 -19.82 -23.88 -26.62
C SER C 33 -20.54 -24.77 -25.60
N SER C 34 -21.28 -25.80 -26.04
CA SER C 34 -21.70 -26.92 -25.16
C SER C 34 -20.47 -27.46 -24.43
N SER C 35 -19.27 -27.38 -25.06
CA SER C 35 -17.97 -27.93 -24.57
C SER C 35 -17.37 -27.01 -23.49
N GLY C 36 -17.82 -25.76 -23.45
CA GLY C 36 -17.41 -24.80 -22.42
C GLY C 36 -16.90 -23.51 -23.03
N VAL C 37 -16.16 -22.76 -22.21
CA VAL C 37 -15.70 -21.38 -22.52
C VAL C 37 -14.22 -21.42 -22.90
N ASN C 38 -13.95 -20.95 -24.11
CA ASN C 38 -12.63 -20.97 -24.77
C ASN C 38 -12.40 -19.52 -25.22
N LEU C 39 -11.25 -18.94 -24.89
CA LEU C 39 -10.87 -17.56 -25.30
C LEU C 39 -9.40 -17.55 -25.67
N GLN C 40 -9.06 -16.83 -26.74
CA GLN C 40 -7.69 -16.70 -27.29
C GLN C 40 -7.53 -15.28 -27.83
N SER C 41 -6.44 -14.58 -27.49
CA SER C 41 -6.18 -13.20 -27.95
C SER C 41 -4.70 -12.82 -27.74
N MET C 42 -4.13 -12.08 -28.69
CA MET C 42 -2.77 -11.53 -28.57
C MET C 42 -2.81 -10.25 -27.75
N ASP C 43 -1.66 -9.70 -27.36
CA ASP C 43 -1.63 -8.41 -26.63
C ASP C 43 -1.71 -7.28 -27.67
N SER C 44 -1.85 -6.03 -27.19
CA SER C 44 -1.75 -4.76 -27.98
C SER C 44 -0.79 -4.93 -29.16
N SER C 45 0.33 -5.59 -28.89
CA SER C 45 1.60 -5.49 -29.65
C SER C 45 1.94 -6.80 -30.35
N HIS C 46 1.13 -7.85 -30.18
CA HIS C 46 1.19 -9.08 -30.99
C HIS C 46 2.47 -9.89 -30.70
N VAL C 47 2.90 -9.95 -29.44
CA VAL C 47 4.16 -10.64 -29.02
C VAL C 47 3.84 -11.83 -28.12
N SER C 48 2.87 -11.63 -27.25
CA SER C 48 2.32 -12.63 -26.32
C SER C 48 0.92 -12.99 -26.82
N LEU C 49 0.48 -14.20 -26.48
CA LEU C 49 -0.91 -14.66 -26.76
C LEU C 49 -1.41 -15.42 -25.55
N VAL C 50 -2.69 -15.26 -25.24
CA VAL C 50 -3.33 -15.90 -24.06
C VAL C 50 -4.40 -16.86 -24.54
N GLN C 51 -4.49 -18.05 -23.93
CA GLN C 51 -5.48 -19.11 -24.29
C GLN C 51 -6.18 -19.54 -22.99
N LEU C 52 -7.49 -19.49 -22.98
CA LEU C 52 -8.30 -19.91 -21.82
C LEU C 52 -9.16 -21.11 -22.21
N THR C 53 -9.24 -22.11 -21.34
CA THR C 53 -10.12 -23.30 -21.51
C THR C 53 -10.80 -23.59 -20.18
N LEU C 54 -12.10 -23.39 -20.11
CA LEU C 54 -12.95 -23.79 -18.95
C LEU C 54 -14.02 -24.77 -19.42
N ARG C 55 -13.90 -26.03 -19.02
CA ARG C 55 -14.82 -27.09 -19.46
C ARG C 55 -16.16 -26.87 -18.75
N SER C 56 -17.25 -27.16 -19.45
CA SER C 56 -18.66 -26.99 -18.99
C SER C 56 -18.97 -27.90 -17.79
N GLU C 57 -18.40 -29.11 -17.80
CA GLU C 57 -18.30 -30.02 -16.65
C GLU C 57 -17.96 -29.22 -15.37
N GLY C 58 -17.09 -28.20 -15.49
CA GLY C 58 -16.55 -27.41 -14.38
C GLY C 58 -17.66 -26.80 -13.56
N PHE C 59 -18.71 -26.35 -14.24
CA PHE C 59 -19.77 -25.50 -13.65
C PHE C 59 -20.90 -26.37 -13.09
N ASP C 60 -21.73 -25.78 -12.25
CA ASP C 60 -22.86 -26.47 -11.58
C ASP C 60 -24.07 -26.54 -12.52
N THR C 61 -24.58 -25.40 -13.00
CA THR C 61 -25.36 -25.28 -14.27
C THR C 61 -24.36 -25.09 -15.40
N TYR C 62 -24.71 -25.52 -16.61
CA TYR C 62 -24.12 -24.99 -17.87
C TYR C 62 -25.05 -25.35 -19.01
N ARG C 63 -25.55 -24.36 -19.73
CA ARG C 63 -26.49 -24.60 -20.84
C ARG C 63 -26.29 -23.52 -21.89
N CYS C 64 -25.82 -23.94 -23.06
CA CYS C 64 -25.51 -23.14 -24.26
C CYS C 64 -26.02 -23.93 -25.48
N ASP C 65 -26.95 -23.36 -26.24
CA ASP C 65 -27.71 -24.04 -27.32
C ASP C 65 -26.94 -23.87 -28.63
N ARG C 66 -26.69 -22.62 -29.02
CA ARG C 66 -25.84 -22.22 -30.17
C ARG C 66 -24.56 -21.57 -29.63
N ASN C 67 -23.43 -21.81 -30.29
CA ASN C 67 -22.14 -21.13 -30.01
C ASN C 67 -22.38 -19.62 -29.93
N LEU C 68 -21.85 -18.95 -28.92
CA LEU C 68 -21.78 -17.47 -28.88
C LEU C 68 -20.35 -17.03 -29.17
N ALA C 69 -20.19 -15.85 -29.75
CA ALA C 69 -18.87 -15.19 -29.92
C ALA C 69 -18.98 -13.82 -29.26
N MET C 70 -18.85 -13.75 -27.95
CA MET C 70 -19.08 -12.51 -27.17
C MET C 70 -17.81 -11.66 -27.13
N GLY C 71 -17.88 -10.46 -27.68
CA GLY C 71 -16.81 -9.46 -27.60
C GLY C 71 -16.96 -8.61 -26.36
N VAL C 72 -15.89 -8.45 -25.60
CA VAL C 72 -15.96 -7.81 -24.26
C VAL C 72 -14.74 -6.88 -24.04
N ASN C 73 -14.96 -5.64 -23.61
CA ASN C 73 -13.91 -4.81 -22.98
C ASN C 73 -13.63 -5.40 -21.60
N LEU C 74 -12.51 -6.11 -21.44
CA LEU C 74 -12.23 -6.90 -20.21
C LEU C 74 -12.02 -5.98 -19.01
N THR C 75 -11.59 -4.76 -19.25
CA THR C 75 -11.46 -3.75 -18.15
C THR C 75 -12.90 -3.49 -17.66
N SER C 76 -13.85 -3.21 -18.55
CA SER C 76 -15.31 -3.10 -18.25
C SER C 76 -15.76 -4.29 -17.40
N MET C 77 -15.41 -5.49 -17.81
CA MET C 77 -15.89 -6.74 -17.16
C MET C 77 -15.17 -6.93 -15.83
N SER C 78 -13.87 -6.67 -15.75
CA SER C 78 -13.16 -6.80 -14.47
C SER C 78 -13.85 -5.88 -13.46
N LYS C 79 -14.09 -4.62 -13.83
CA LYS C 79 -14.79 -3.61 -12.98
C LYS C 79 -16.04 -4.24 -12.37
N ILE C 80 -16.80 -5.00 -13.16
CA ILE C 80 -18.06 -5.65 -12.70
C ILE C 80 -17.72 -6.75 -11.69
N LEU C 81 -16.78 -7.63 -12.01
CA LEU C 81 -16.40 -8.78 -11.14
C LEU C 81 -15.78 -8.30 -9.82
N LYS C 82 -15.14 -7.14 -9.83
CA LYS C 82 -14.61 -6.52 -8.59
C LYS C 82 -15.77 -6.31 -7.61
N CYS C 83 -17.01 -6.18 -8.09
CA CYS C 83 -18.20 -5.98 -7.24
C CYS C 83 -18.78 -7.29 -6.70
N ALA C 84 -18.04 -8.39 -6.86
CA ALA C 84 -18.48 -9.74 -6.46
C ALA C 84 -17.61 -10.18 -5.29
N GLY C 85 -18.23 -10.55 -4.16
CA GLY C 85 -17.54 -11.17 -3.01
C GLY C 85 -16.87 -12.46 -3.44
N ASN C 86 -15.79 -12.83 -2.76
CA ASN C 86 -15.00 -14.05 -3.11
C ASN C 86 -15.86 -15.30 -2.89
N GLU C 87 -16.73 -15.27 -1.88
CA GLU C 87 -17.67 -16.35 -1.53
C GLU C 87 -18.84 -16.39 -2.51
N ASP C 88 -18.95 -15.40 -3.39
CA ASP C 88 -20.20 -15.16 -4.17
C ASP C 88 -20.35 -16.30 -5.18
N ILE C 89 -21.59 -16.75 -5.41
CA ILE C 89 -22.00 -17.66 -6.52
C ILE C 89 -22.23 -16.77 -7.72
N ILE C 90 -21.49 -16.98 -8.80
CA ILE C 90 -21.64 -16.13 -10.03
C ILE C 90 -22.34 -16.95 -11.10
N THR C 91 -23.56 -16.52 -11.45
CA THR C 91 -24.38 -17.08 -12.53
C THR C 91 -24.21 -16.13 -13.71
N LEU C 92 -23.92 -16.62 -14.94
CA LEU C 92 -23.79 -15.80 -16.19
C LEU C 92 -24.94 -16.13 -17.14
N ARG C 93 -25.36 -15.21 -18.00
CA ARG C 93 -26.57 -15.41 -18.84
C ARG C 93 -26.52 -14.46 -20.03
N ALA C 94 -26.74 -14.97 -21.24
CA ALA C 94 -26.98 -14.16 -22.47
C ALA C 94 -27.96 -14.89 -23.41
N GLU C 95 -28.76 -14.16 -24.20
CA GLU C 95 -29.50 -14.72 -25.37
C GLU C 95 -28.58 -14.66 -26.61
N ASP C 96 -28.97 -15.19 -27.78
CA ASP C 96 -28.08 -15.31 -28.98
C ASP C 96 -27.81 -13.91 -29.58
N ASN C 97 -28.86 -13.32 -30.15
CA ASN C 97 -28.85 -11.95 -30.76
C ASN C 97 -28.76 -10.90 -29.64
N ALA C 98 -28.80 -11.32 -28.38
CA ALA C 98 -28.48 -10.48 -27.19
C ALA C 98 -27.04 -9.95 -27.32
N ASP C 99 -26.95 -8.63 -27.15
CA ASP C 99 -25.74 -7.80 -27.29
C ASP C 99 -25.39 -7.25 -25.90
N THR C 100 -26.08 -7.73 -24.85
CA THR C 100 -25.69 -7.53 -23.44
C THR C 100 -25.66 -8.87 -22.72
N LEU C 101 -24.67 -8.99 -21.84
CA LEU C 101 -24.40 -10.18 -20.99
C LEU C 101 -24.76 -9.83 -19.55
N ALA C 102 -25.69 -10.58 -18.96
CA ALA C 102 -26.14 -10.47 -17.55
C ALA C 102 -25.21 -11.27 -16.64
N LEU C 103 -24.79 -10.68 -15.50
CA LEU C 103 -24.05 -11.37 -14.40
C LEU C 103 -24.87 -11.28 -13.11
N VAL C 104 -25.02 -12.37 -12.34
CA VAL C 104 -25.79 -12.37 -11.08
C VAL C 104 -24.89 -12.95 -9.98
N PHE C 105 -24.62 -12.17 -8.94
CA PHE C 105 -23.81 -12.58 -7.76
C PHE C 105 -24.71 -12.81 -6.56
N GLU C 106 -24.89 -14.09 -6.21
CA GLU C 106 -25.58 -14.59 -4.99
C GLU C 106 -24.55 -14.67 -3.86
N ALA C 107 -24.88 -14.27 -2.63
CA ALA C 107 -23.98 -14.42 -1.45
C ALA C 107 -24.19 -15.80 -0.82
N PRO C 108 -23.23 -16.32 -0.03
CA PRO C 108 -23.52 -17.40 0.92
C PRO C 108 -24.48 -16.93 2.04
N ASN C 109 -24.47 -15.62 2.35
CA ASN C 109 -25.50 -14.88 3.13
C ASN C 109 -26.90 -15.27 2.67
N GLN C 110 -27.13 -15.36 1.36
CA GLN C 110 -28.46 -15.36 0.69
C GLN C 110 -29.30 -14.19 1.20
N GLU C 111 -28.66 -13.11 1.66
CA GLU C 111 -29.34 -11.87 2.15
C GLU C 111 -28.96 -10.70 1.25
N LYS C 112 -27.90 -10.91 0.46
CA LYS C 112 -27.43 -10.00 -0.61
C LYS C 112 -27.51 -10.72 -1.96
N VAL C 113 -27.94 -10.00 -2.98
CA VAL C 113 -28.02 -10.48 -4.39
C VAL C 113 -27.74 -9.29 -5.29
N SER C 114 -26.50 -9.16 -5.74
CA SER C 114 -26.09 -8.24 -6.83
C SER C 114 -26.56 -8.84 -8.16
N ASP C 115 -26.68 -8.02 -9.21
CA ASP C 115 -27.37 -8.38 -10.48
C ASP C 115 -27.03 -7.33 -11.57
N TYR C 116 -25.84 -7.45 -12.18
CA TYR C 116 -25.32 -6.51 -13.20
C TYR C 116 -25.76 -6.97 -14.59
N GLU C 117 -25.28 -6.24 -15.59
CA GLU C 117 -25.63 -6.45 -17.01
C GLU C 117 -24.69 -5.57 -17.80
N MET C 118 -23.91 -6.18 -18.68
CA MET C 118 -22.74 -5.56 -19.36
C MET C 118 -23.01 -5.49 -20.86
N LYS C 119 -22.74 -4.33 -21.47
CA LYS C 119 -22.86 -4.18 -22.94
C LYS C 119 -21.67 -4.90 -23.58
N LEU C 120 -21.85 -5.48 -24.78
CA LEU C 120 -20.77 -6.21 -25.50
C LEU C 120 -20.11 -5.26 -26.51
N MET C 121 -19.39 -5.81 -27.50
CA MET C 121 -18.90 -5.08 -28.71
C MET C 121 -18.76 -6.10 -29.84
N ASP C 122 -18.73 -5.64 -31.10
CA ASP C 122 -18.35 -6.53 -32.22
C ASP C 122 -16.82 -6.56 -32.29
N LEU C 123 -16.25 -7.74 -32.56
CA LEU C 123 -14.78 -7.92 -32.71
C LEU C 123 -14.44 -8.75 -33.95
N ASP C 124 -13.41 -8.31 -34.69
CA ASP C 124 -12.63 -9.13 -35.63
C ASP C 124 -11.66 -10.04 -34.85
N VAL C 125 -11.64 -11.35 -35.10
CA VAL C 125 -10.83 -12.30 -34.28
C VAL C 125 -10.21 -13.40 -35.16
N GLU C 126 -8.96 -13.19 -35.58
CA GLU C 126 -8.15 -14.23 -36.27
C GLU C 126 -7.77 -15.25 -35.19
N GLN C 127 -8.51 -16.35 -35.10
CA GLN C 127 -8.16 -17.54 -34.28
C GLN C 127 -6.83 -18.11 -34.79
N LEU C 128 -5.79 -18.18 -33.94
CA LEU C 128 -4.49 -18.81 -34.33
C LEU C 128 -4.49 -20.32 -34.01
N GLY C 129 -4.15 -21.14 -34.99
CA GLY C 129 -3.91 -22.58 -34.75
C GLY C 129 -2.65 -22.74 -33.94
N ILE C 130 -2.78 -23.13 -32.68
CA ILE C 130 -1.65 -23.61 -31.82
C ILE C 130 -1.58 -25.11 -31.98
N PRO C 131 -0.53 -25.72 -32.59
CA PRO C 131 -0.35 -27.17 -32.52
C PRO C 131 0.04 -27.62 -31.10
N GLU C 132 -0.57 -28.72 -30.59
CA GLU C 132 -0.18 -29.33 -29.28
C GLU C 132 1.19 -29.97 -29.54
N GLN C 133 2.18 -29.71 -28.68
CA GLN C 133 3.63 -29.90 -29.02
C GLN C 133 4.33 -30.67 -27.89
N GLU C 134 5.16 -31.62 -28.28
CA GLU C 134 6.24 -32.14 -27.40
C GLU C 134 7.24 -30.98 -27.23
N TYR C 135 7.73 -30.77 -26.01
CA TYR C 135 8.63 -29.64 -25.68
C TYR C 135 9.94 -30.19 -25.13
N SER C 136 11.04 -29.68 -25.66
CA SER C 136 12.41 -30.11 -25.29
C SER C 136 12.53 -30.14 -23.76
N CYS C 137 12.06 -29.10 -23.09
CA CYS C 137 12.02 -29.00 -21.60
C CYS C 137 10.67 -28.50 -21.11
N VAL C 138 10.11 -29.17 -20.10
CA VAL C 138 8.86 -28.77 -19.38
C VAL C 138 9.17 -28.75 -17.89
N VAL C 139 8.92 -27.62 -17.22
CA VAL C 139 9.30 -27.39 -15.80
C VAL C 139 8.02 -27.14 -14.99
N LYS C 140 7.85 -27.86 -13.89
CA LYS C 140 6.70 -27.64 -12.97
C LYS C 140 7.32 -27.11 -11.69
N MET C 141 6.86 -25.94 -11.22
CA MET C 141 7.47 -25.23 -10.07
C MET C 141 6.44 -24.34 -9.41
N PRO C 142 6.67 -23.90 -8.15
CA PRO C 142 5.77 -22.95 -7.50
C PRO C 142 5.56 -21.70 -8.37
N SER C 143 4.31 -21.34 -8.57
CA SER C 143 3.83 -20.15 -9.31
C SER C 143 4.35 -18.91 -8.61
N GLY C 144 4.39 -19.01 -7.28
CA GLY C 144 4.80 -17.94 -6.38
C GLY C 144 6.25 -17.60 -6.61
N GLU C 145 7.08 -18.64 -6.65
CA GLU C 145 8.54 -18.57 -6.90
C GLU C 145 8.78 -18.02 -8.29
N PHE C 146 8.07 -18.50 -9.29
CA PHE C 146 8.22 -18.05 -10.69
C PHE C 146 7.91 -16.56 -10.77
N ALA C 147 6.76 -16.17 -10.24
CA ALA C 147 6.28 -14.76 -10.18
C ALA C 147 7.38 -13.86 -9.61
N ARG C 148 7.91 -14.33 -8.48
CA ARG C 148 8.93 -13.67 -7.64
C ARG C 148 10.21 -13.53 -8.45
N ILE C 149 10.55 -14.53 -9.25
CA ILE C 149 11.83 -14.54 -10.02
C ILE C 149 11.73 -13.51 -11.14
N CYS C 150 10.72 -13.62 -11.98
CA CYS C 150 10.46 -12.69 -13.10
C CYS C 150 10.41 -11.25 -12.58
N ARG C 151 9.86 -11.03 -11.37
CA ARG C 151 9.70 -9.67 -10.78
C ARG C 151 11.07 -9.15 -10.36
N ASP C 152 11.92 -9.99 -9.79
CA ASP C 152 13.23 -9.57 -9.26
C ASP C 152 14.13 -9.28 -10.44
N LEU C 153 14.23 -10.19 -11.38
CA LEU C 153 15.18 -10.02 -12.51
C LEU C 153 14.81 -8.75 -13.32
N SER C 154 13.53 -8.37 -13.35
CA SER C 154 13.08 -7.14 -14.05
C SER C 154 13.84 -5.94 -13.52
N HIS C 155 14.32 -5.99 -12.28
CA HIS C 155 15.12 -4.91 -11.64
C HIS C 155 16.61 -4.99 -12.10
N ILE C 156 17.06 -6.13 -12.62
CA ILE C 156 18.45 -6.22 -13.17
C ILE C 156 18.44 -5.85 -14.65
N GLY C 157 17.57 -6.48 -15.46
CA GLY C 157 17.59 -6.28 -16.92
C GLY C 157 16.21 -6.29 -17.54
N ASP C 158 16.17 -6.12 -18.86
CA ASP C 158 14.96 -6.18 -19.72
C ASP C 158 14.52 -7.62 -19.98
N ALA C 159 15.47 -8.55 -20.03
CA ALA C 159 15.28 -9.91 -20.56
C ALA C 159 15.79 -10.96 -19.56
N VAL C 160 15.13 -12.12 -19.54
CA VAL C 160 15.55 -13.33 -18.78
C VAL C 160 16.02 -14.38 -19.78
N VAL C 161 17.16 -15.04 -19.48
CA VAL C 161 17.65 -16.25 -20.19
C VAL C 161 17.29 -17.42 -19.28
N ILE C 162 16.56 -18.39 -19.82
CA ILE C 162 16.20 -19.62 -19.07
C ILE C 162 17.05 -20.76 -19.63
N SER C 163 18.05 -21.21 -18.86
CA SER C 163 18.83 -22.46 -19.04
C SER C 163 18.05 -23.58 -18.37
N CYS C 164 18.00 -24.77 -18.99
CA CYS C 164 17.30 -25.96 -18.44
C CYS C 164 18.11 -27.23 -18.73
N ALA C 165 18.37 -28.01 -17.69
CA ALA C 165 19.01 -29.35 -17.78
C ALA C 165 18.22 -30.32 -16.89
N LYS C 166 18.63 -31.58 -16.93
CA LYS C 166 18.21 -32.67 -16.00
C LYS C 166 18.17 -32.09 -14.59
N ASP C 167 19.33 -31.58 -14.13
CA ASP C 167 19.64 -31.15 -12.74
C ASP C 167 18.69 -30.05 -12.30
N GLY C 168 18.56 -29.01 -13.10
CA GLY C 168 17.87 -27.79 -12.67
C GLY C 168 17.57 -26.84 -13.82
N VAL C 169 17.08 -25.66 -13.44
CA VAL C 169 16.64 -24.56 -14.34
C VAL C 169 17.20 -23.25 -13.77
N LYS C 170 17.81 -22.43 -14.64
CA LYS C 170 18.52 -21.19 -14.24
C LYS C 170 17.90 -20.01 -14.98
N PHE C 171 17.47 -19.02 -14.22
CA PHE C 171 16.92 -17.75 -14.72
C PHE C 171 17.98 -16.65 -14.54
N SER C 172 18.41 -16.03 -15.64
CA SER C 172 19.51 -15.04 -15.67
C SER C 172 19.04 -13.77 -16.38
N ALA C 173 19.56 -12.62 -15.96
CA ALA C 173 19.39 -11.32 -16.66
C ALA C 173 20.70 -10.54 -16.65
N SER C 174 20.93 -9.72 -17.67
CA SER C 174 22.04 -8.74 -17.71
C SER C 174 21.45 -7.34 -17.76
N GLY C 175 21.88 -6.51 -16.80
CA GLY C 175 21.66 -5.06 -16.74
C GLY C 175 22.94 -4.33 -17.12
N GLU C 176 22.85 -3.00 -17.18
CA GLU C 176 23.97 -2.02 -17.08
C GLU C 176 24.74 -2.28 -15.79
N LEU C 177 24.02 -2.55 -14.69
CA LEU C 177 24.55 -2.53 -13.30
C LEU C 177 25.33 -3.84 -13.07
N GLY C 178 24.82 -4.94 -13.60
CA GLY C 178 25.46 -6.23 -13.43
C GLY C 178 24.67 -7.31 -14.13
N ASN C 179 24.55 -8.46 -13.47
CA ASN C 179 23.91 -9.67 -14.01
C ASN C 179 23.68 -10.62 -12.85
N GLY C 180 22.62 -11.42 -12.96
CA GLY C 180 22.15 -12.34 -11.91
C GLY C 180 21.84 -13.70 -12.50
N ASN C 181 22.09 -14.73 -11.72
CA ASN C 181 21.76 -16.14 -12.04
C ASN C 181 20.96 -16.70 -10.89
N ILE C 182 19.68 -17.00 -11.10
CA ILE C 182 18.86 -17.66 -10.05
C ILE C 182 18.70 -19.12 -10.47
N LYS C 183 19.23 -20.09 -9.69
CA LYS C 183 19.28 -21.51 -10.11
C LYS C 183 18.43 -22.36 -9.15
N LEU C 184 17.42 -23.09 -9.67
CA LEU C 184 16.55 -24.03 -8.90
C LEU C 184 16.84 -25.47 -9.32
N SER C 185 16.83 -26.44 -8.39
CA SER C 185 17.15 -27.86 -8.67
C SER C 185 15.87 -28.72 -8.61
N GLN C 186 15.75 -29.76 -9.43
CA GLN C 186 14.71 -30.82 -9.28
C GLN C 186 14.75 -31.19 -7.80
N THR C 187 13.60 -31.48 -7.15
CA THR C 187 13.59 -31.92 -5.72
C THR C 187 13.27 -33.41 -5.57
N SER C 188 13.95 -34.07 -4.63
CA SER C 188 13.83 -35.51 -4.34
C SER C 188 12.89 -35.68 -3.14
N ASN C 189 12.37 -36.91 -3.02
CA ASN C 189 11.52 -37.38 -1.90
C ASN C 189 10.51 -36.25 -1.63
N VAL C 190 9.98 -35.68 -2.73
CA VAL C 190 8.73 -34.88 -2.80
C VAL C 190 7.71 -35.23 -1.75
N ASP C 191 7.77 -34.53 -0.62
CA ASP C 191 6.64 -34.37 0.33
C ASP C 191 5.40 -34.21 -0.57
N LYS C 192 5.35 -33.09 -1.29
CA LYS C 192 4.14 -32.57 -1.96
C LYS C 192 4.52 -32.30 -3.41
N GLU C 193 3.94 -31.22 -3.91
CA GLU C 193 4.16 -30.57 -5.23
C GLU C 193 4.24 -29.03 -5.07
N GLU C 194 3.69 -28.45 -3.98
CA GLU C 194 3.30 -27.01 -3.85
C GLU C 194 4.55 -26.14 -3.76
N GLU C 195 5.58 -26.68 -3.10
CA GLU C 195 6.92 -26.07 -2.92
C GLU C 195 7.93 -26.70 -3.88
N ALA C 196 7.55 -27.75 -4.62
CA ALA C 196 8.46 -28.67 -5.34
C ALA C 196 8.62 -28.29 -6.83
N VAL C 197 9.81 -28.56 -7.34
CA VAL C 197 10.29 -28.33 -8.75
C VAL C 197 10.63 -29.68 -9.40
N THR C 198 10.12 -29.92 -10.61
CA THR C 198 10.32 -31.18 -11.38
C THR C 198 10.61 -30.80 -12.84
N ILE C 199 11.48 -31.54 -13.54
CA ILE C 199 11.94 -31.20 -14.92
C ILE C 199 11.94 -32.44 -15.83
N GLU C 200 10.90 -32.61 -16.65
CA GLU C 200 10.91 -33.51 -17.84
C GLU C 200 11.78 -32.80 -18.89
N MET C 201 12.74 -33.51 -19.49
CA MET C 201 13.81 -32.92 -20.32
C MET C 201 14.14 -33.86 -21.49
N ASN C 202 13.88 -33.48 -22.75
CA ASN C 202 14.29 -34.25 -23.95
C ASN C 202 15.70 -33.85 -24.38
N GLU C 203 15.94 -32.54 -24.45
CA GLU C 203 17.27 -31.94 -24.71
C GLU C 203 17.39 -30.69 -23.85
N PRO C 204 18.61 -30.32 -23.39
CA PRO C 204 18.81 -29.05 -22.70
C PRO C 204 18.37 -27.91 -23.62
N VAL C 205 17.99 -26.80 -23.02
CA VAL C 205 17.41 -25.62 -23.73
C VAL C 205 17.92 -24.35 -23.04
N GLN C 206 18.19 -23.30 -23.81
CA GLN C 206 18.47 -21.94 -23.28
C GLN C 206 17.80 -20.91 -24.20
N LEU C 207 16.74 -20.25 -23.73
CA LEU C 207 15.99 -19.27 -24.54
C LEU C 207 15.92 -17.95 -23.77
N THR C 208 15.56 -16.87 -24.46
CA THR C 208 15.60 -15.47 -23.97
C THR C 208 14.25 -14.78 -24.20
N PHE C 209 13.62 -14.25 -23.14
CA PHE C 209 12.25 -13.66 -23.17
C PHE C 209 12.17 -12.32 -22.40
N ALA C 210 11.25 -11.47 -22.84
CA ALA C 210 11.04 -10.11 -22.30
C ALA C 210 10.24 -10.22 -21.01
N LEU C 211 10.88 -9.89 -19.89
CA LEU C 211 10.24 -9.93 -18.56
C LEU C 211 9.01 -9.04 -18.56
N ARG C 212 9.04 -7.95 -19.32
CA ARG C 212 7.86 -7.06 -19.52
C ARG C 212 6.59 -7.95 -19.50
N TYR C 213 6.57 -8.97 -20.36
CA TYR C 213 5.38 -9.81 -20.67
C TYR C 213 5.15 -10.84 -19.55
N LEU C 214 6.22 -11.58 -19.21
CA LEU C 214 6.17 -12.63 -18.16
C LEU C 214 5.46 -12.07 -16.94
N ASN C 215 5.70 -10.80 -16.61
CA ASN C 215 5.15 -10.18 -15.39
C ASN C 215 3.66 -9.89 -15.56
N PHE C 216 3.16 -9.85 -16.80
CA PHE C 216 1.71 -9.79 -17.05
C PHE C 216 1.10 -11.18 -16.92
N PHE C 217 1.90 -12.22 -17.16
CA PHE C 217 1.46 -13.62 -17.05
C PHE C 217 1.27 -13.95 -15.58
N THR C 218 2.28 -13.65 -14.78
CA THR C 218 2.31 -14.08 -13.36
C THR C 218 1.09 -13.52 -12.63
N LYS C 219 0.35 -12.58 -13.22
CA LYS C 219 -0.90 -12.04 -12.65
C LYS C 219 -1.91 -13.16 -12.37
N ALA C 220 -1.67 -14.33 -12.94
CA ALA C 220 -2.53 -15.53 -12.84
C ALA C 220 -2.12 -16.41 -11.65
N THR C 221 -1.06 -16.06 -10.91
CA THR C 221 -0.48 -16.91 -9.83
C THR C 221 -1.55 -17.17 -8.75
N PRO C 222 -2.53 -16.28 -8.51
CA PRO C 222 -3.60 -16.63 -7.59
C PRO C 222 -4.53 -17.73 -8.11
N LEU C 223 -4.23 -18.41 -9.23
CA LEU C 223 -5.11 -19.46 -9.81
C LEU C 223 -4.61 -20.85 -9.44
N SER C 224 -3.35 -20.93 -9.03
CA SER C 224 -2.59 -22.20 -8.95
C SER C 224 -1.33 -21.97 -8.13
N SER C 225 -1.03 -22.89 -7.21
CA SER C 225 0.23 -22.99 -6.45
C SER C 225 1.39 -23.16 -7.41
N THR C 226 1.20 -23.99 -8.43
CA THR C 226 2.25 -24.26 -9.43
C THR C 226 1.87 -23.65 -10.77
N VAL C 227 2.90 -23.62 -11.62
CA VAL C 227 2.91 -23.17 -13.03
C VAL C 227 3.87 -24.09 -13.77
N THR C 228 3.58 -24.38 -15.03
CA THR C 228 4.43 -25.30 -15.83
C THR C 228 4.91 -24.52 -17.06
N LEU C 229 6.23 -24.41 -17.20
CA LEU C 229 6.93 -23.73 -18.33
C LEU C 229 7.32 -24.78 -19.34
N SER C 230 6.98 -24.58 -20.61
CA SER C 230 7.26 -25.55 -21.69
C SER C 230 8.06 -24.85 -22.79
N MET C 231 9.21 -25.38 -23.20
CA MET C 231 10.14 -24.63 -24.07
C MET C 231 10.74 -25.55 -25.14
N SER C 232 10.92 -25.03 -26.35
CA SER C 232 11.80 -25.64 -27.37
C SER C 232 12.55 -24.51 -28.07
N ALA C 233 13.77 -24.77 -28.55
CA ALA C 233 14.61 -23.83 -29.31
C ALA C 233 13.78 -23.20 -30.44
N ASP C 234 14.02 -21.91 -30.72
CA ASP C 234 13.29 -21.02 -31.68
C ASP C 234 11.81 -21.42 -31.84
N VAL C 235 11.09 -21.59 -30.72
CA VAL C 235 9.61 -21.74 -30.70
C VAL C 235 9.12 -21.21 -29.36
N PRO C 236 7.89 -20.63 -29.28
CA PRO C 236 7.49 -19.88 -28.12
C PRO C 236 7.50 -20.74 -26.84
N LEU C 237 7.73 -20.03 -25.74
CA LEU C 237 7.46 -20.46 -24.35
C LEU C 237 5.94 -20.60 -24.14
N VAL C 238 5.54 -21.60 -23.36
CA VAL C 238 4.17 -21.77 -22.82
C VAL C 238 4.22 -21.73 -21.30
N VAL C 239 3.54 -20.76 -20.68
CA VAL C 239 3.35 -20.70 -19.20
C VAL C 239 1.92 -21.13 -18.89
N GLU C 240 1.73 -22.29 -18.24
CA GLU C 240 0.40 -22.93 -18.03
C GLU C 240 0.06 -22.85 -16.53
N TYR C 241 -1.00 -22.13 -16.21
CA TYR C 241 -1.59 -22.03 -14.86
C TYR C 241 -2.84 -22.92 -14.83
N LYS C 242 -2.82 -24.02 -14.07
CA LYS C 242 -4.00 -24.92 -13.98
C LYS C 242 -5.12 -24.20 -13.24
N ILE C 243 -6.35 -24.25 -13.75
CA ILE C 243 -7.57 -23.73 -13.06
C ILE C 243 -8.38 -24.88 -12.44
N ALA C 244 -7.99 -25.31 -11.24
CA ALA C 244 -8.83 -26.05 -10.29
C ALA C 244 -9.74 -27.03 -11.04
N ASP C 245 -9.22 -27.86 -11.94
CA ASP C 245 -9.96 -29.01 -12.54
C ASP C 245 -10.95 -28.63 -13.64
N MET C 246 -11.39 -27.36 -13.68
CA MET C 246 -12.28 -26.77 -14.72
C MET C 246 -11.54 -26.65 -16.05
N GLY C 247 -10.24 -26.33 -15.98
CA GLY C 247 -9.36 -26.28 -17.15
C GLY C 247 -8.04 -25.66 -16.82
N HIS C 248 -7.65 -24.70 -17.62
CA HIS C 248 -6.27 -24.13 -17.63
C HIS C 248 -6.27 -22.76 -18.32
N LEU C 249 -5.23 -21.97 -18.03
CA LEU C 249 -4.92 -20.65 -18.64
C LEU C 249 -3.47 -20.69 -19.10
N LYS C 250 -3.26 -20.72 -20.41
CA LYS C 250 -1.93 -20.87 -21.05
C LYS C 250 -1.55 -19.50 -21.63
N TYR C 251 -0.34 -19.03 -21.32
CA TYR C 251 0.27 -17.81 -21.89
C TYR C 251 1.38 -18.25 -22.84
N TYR C 252 1.48 -17.63 -24.03
CA TYR C 252 2.52 -17.92 -25.04
C TYR C 252 3.32 -16.66 -25.34
N LEU C 253 4.65 -16.77 -25.44
CA LEU C 253 5.57 -15.62 -25.66
C LEU C 253 6.62 -15.98 -26.70
N ALA C 254 6.88 -15.10 -27.67
CA ALA C 254 7.97 -15.27 -28.65
C ALA C 254 9.32 -15.06 -27.99
N PRO C 255 10.38 -15.79 -28.40
CA PRO C 255 11.73 -15.53 -27.88
C PRO C 255 12.38 -14.28 -28.52
N LYS C 256 13.72 -14.22 -28.54
CA LYS C 256 14.53 -13.13 -29.15
C LYS C 256 15.53 -13.71 -30.19
N ILE C 257 15.97 -12.93 -31.20
CA ILE C 257 17.11 -13.28 -32.12
C ILE C 257 17.68 -12.00 -32.74
N SER D 2 -29.92 16.10 -12.49
CA SER D 2 -29.83 17.57 -12.18
C SER D 2 -29.18 17.83 -10.81
N MET D 3 -29.94 18.18 -9.73
CA MET D 3 -29.51 18.25 -8.29
C MET D 3 -29.62 19.68 -7.70
N ARG D 4 -30.19 19.84 -6.50
CA ARG D 4 -30.46 21.17 -5.85
C ARG D 4 -29.40 21.49 -4.79
N LYS D 5 -29.51 22.62 -4.08
CA LYS D 5 -28.62 23.03 -2.96
C LYS D 5 -29.37 22.80 -1.65
N ILE D 6 -28.74 22.26 -0.59
CA ILE D 6 -29.46 22.03 0.70
C ILE D 6 -29.63 23.37 1.45
N CYS D 7 -29.07 24.47 0.95
CA CYS D 7 -29.54 25.85 1.29
C CYS D 7 -31.07 25.89 1.20
N THR D 8 -31.62 25.36 0.09
CA THR D 8 -33.07 25.41 -0.28
C THR D 8 -33.89 24.64 0.75
N TYR D 9 -33.34 23.52 1.24
CA TYR D 9 -34.06 22.51 2.06
C TYR D 9 -34.01 22.86 3.55
N PHE D 10 -33.25 23.86 4.01
CA PHE D 10 -33.14 24.20 5.47
C PHE D 10 -33.34 25.72 5.68
N HIS D 11 -32.27 26.48 5.86
CA HIS D 11 -32.22 27.98 5.98
C HIS D 11 -32.60 28.43 7.40
N ARG D 12 -31.58 28.96 8.11
CA ARG D 12 -31.60 29.91 9.25
C ARG D 12 -31.92 29.21 10.58
N SER E 2 20.14 28.85 8.08
CA SER E 2 21.01 28.62 6.85
C SER E 2 21.42 27.14 6.77
N MET E 3 22.66 26.76 7.15
CA MET E 3 23.23 25.37 7.24
C MET E 3 24.50 25.23 6.37
N ARG E 4 25.62 24.78 6.98
CA ARG E 4 26.98 24.74 6.38
C ARG E 4 27.30 23.29 5.99
N LYS E 5 28.55 22.99 5.63
CA LYS E 5 28.99 21.65 5.13
C LYS E 5 29.79 20.97 6.24
N ILE E 6 29.66 19.64 6.42
CA ILE E 6 30.52 18.89 7.40
C ILE E 6 31.96 18.80 6.87
N CYS E 7 32.22 19.18 5.60
CA CYS E 7 33.57 19.58 5.10
C CYS E 7 34.27 20.45 6.14
N THR E 8 33.56 21.50 6.61
CA THR E 8 34.10 22.60 7.46
C THR E 8 34.49 22.03 8.83
N TYR E 9 33.71 21.04 9.33
CA TYR E 9 33.78 20.52 10.72
C TYR E 9 34.75 19.34 10.83
N PHE E 10 35.31 18.80 9.74
CA PHE E 10 36.25 17.63 9.79
C PHE E 10 37.53 17.94 8.98
N HIS E 11 37.69 17.41 7.75
CA HIS E 11 38.85 17.62 6.82
C HIS E 11 40.09 16.77 7.23
N ARG E 12 40.75 16.19 6.21
CA ARG E 12 41.95 15.31 6.25
C ARG E 12 41.58 13.99 5.58
N SER F 2 15.63 -8.35 -30.08
CA SER F 2 15.38 -8.85 -31.47
C SER F 2 14.30 -9.97 -31.48
N MET F 3 13.07 -9.61 -31.00
CA MET F 3 11.89 -10.43 -30.54
C MET F 3 10.82 -10.52 -31.65
N ARG F 4 10.18 -11.68 -31.88
CA ARG F 4 9.29 -11.88 -33.07
C ARG F 4 7.82 -11.70 -32.67
N LYS F 5 6.89 -11.82 -33.64
CA LYS F 5 5.42 -11.77 -33.44
C LYS F 5 4.90 -13.22 -33.47
N ILE F 6 3.99 -13.62 -32.57
CA ILE F 6 3.52 -15.05 -32.51
C ILE F 6 2.54 -15.31 -33.67
N CYS F 7 2.15 -14.32 -34.45
CA CYS F 7 1.54 -14.57 -35.78
C CYS F 7 2.49 -15.46 -36.60
N THR F 8 3.80 -15.22 -36.57
CA THR F 8 4.84 -15.95 -37.38
C THR F 8 4.90 -17.43 -36.94
N TYR F 9 4.72 -17.65 -35.63
CA TYR F 9 4.92 -18.93 -34.91
C TYR F 9 3.66 -19.80 -34.93
N PHE F 10 2.48 -19.31 -35.35
CA PHE F 10 1.22 -20.11 -35.39
C PHE F 10 0.52 -19.93 -36.76
N HIS F 11 -0.60 -19.20 -36.76
CA HIS F 11 -1.51 -18.88 -37.90
C HIS F 11 -2.33 -20.08 -38.35
N ARG F 12 -3.66 -19.99 -38.14
CA ARG F 12 -4.78 -20.78 -38.75
C ARG F 12 -5.30 -21.87 -37.78
#